data_7XTV
#
_entry.id   7XTV
#
_cell.length_a   91.489
_cell.length_b   91.489
_cell.length_c   247.646
_cell.angle_alpha   90.000
_cell.angle_beta   90.000
_cell.angle_gamma   120.000
#
_symmetry.space_group_name_H-M   'P 31 2 1'
#
loop_
_entity.id
_entity.type
_entity.pdbx_description
1 polymer 'alpha/beta hydrolase'
2 non-polymer '4-(2-hydroxyethyloxycarbonyl)benzoic acid'
3 non-polymer DI(HYDROXYETHYL)ETHER
4 non-polymer GLYCEROL
5 non-polymer 'ACETATE ION'
6 non-polymer 'SULFATE ION'
7 water water
#
_entity_poly.entity_id   1
_entity_poly.type   'polypeptide(L)'
_entity_poly.pdbx_seq_one_letter_code
;MNPYERGPNPTDALLEARSGPFSVSEENVSRLSASGFGGGTIYYPRENNTYGAVAISPGYTGTEASIAWLGERIASHGFV
VITIDTITTLDQPDSRAEQLNAALNHMINRASSTVRSRIDSSRLAVMGHAMGGGGSLRLASQRPDLKAAIPLTPWHLNKN
WSSVTVPTLIIGADLDTIAPVATHAKPFYNSLPSSISKAYLELDGATHFAPNIPNKIIGKYSVAWLKRFVDNDTRYTQFL
CPGPRDGLFGEVEEYRSTCPF
;
_entity_poly.pdbx_strand_id   A,B,C,D
#
loop_
_chem_comp.id
_chem_comp.type
_chem_comp.name
_chem_comp.formula
ACT non-polymer 'ACETATE ION' 'C2 H3 O2 -1'
C9C non-polymer '4-(2-hydroxyethyloxycarbonyl)benzoic acid' 'C10 H10 O5'
GOL non-polymer GLYCEROL 'C3 H8 O3'
PEG non-polymer DI(HYDROXYETHYL)ETHER 'C4 H10 O3'
SO4 non-polymer 'SULFATE ION' 'O4 S -2'
#
# COMPACT_ATOMS: atom_id res chain seq x y z
N MET A 1 -14.04 -0.89 -24.13
CA MET A 1 -13.15 -0.14 -25.01
C MET A 1 -12.52 1.04 -24.26
N ASN A 2 -13.35 1.83 -23.59
CA ASN A 2 -12.83 2.81 -22.64
C ASN A 2 -12.98 2.20 -21.25
N PRO A 3 -11.89 1.74 -20.62
CA PRO A 3 -12.01 1.10 -19.29
C PRO A 3 -12.24 2.08 -18.15
N TYR A 4 -12.23 3.38 -18.44
CA TYR A 4 -12.62 4.36 -17.43
C TYR A 4 -14.12 4.57 -17.36
N GLU A 5 -14.88 4.02 -18.32
CA GLU A 5 -16.32 4.18 -18.34
C GLU A 5 -16.96 3.51 -17.14
N ARG A 6 -17.86 4.23 -16.50
CA ARG A 6 -18.62 3.69 -15.38
C ARG A 6 -20.08 3.99 -15.64
N GLY A 7 -20.95 3.09 -15.16
CA GLY A 7 -22.37 3.32 -15.23
C GLY A 7 -22.96 3.14 -16.62
N PRO A 8 -24.29 3.17 -16.69
CA PRO A 8 -24.99 2.89 -17.95
C PRO A 8 -24.91 4.07 -18.92
N ASN A 9 -25.34 3.79 -20.15
CA ASN A 9 -25.41 4.84 -21.16
C ASN A 9 -26.33 5.97 -20.69
N PRO A 10 -25.87 7.22 -20.74
CA PRO A 10 -26.63 8.31 -20.14
C PRO A 10 -27.79 8.77 -21.00
N THR A 11 -28.77 9.37 -20.31
CA THR A 11 -29.87 10.10 -20.90
C THR A 11 -30.09 11.37 -20.10
N ASP A 12 -30.84 12.31 -20.70
CA ASP A 12 -31.23 13.52 -19.98
C ASP A 12 -31.88 13.16 -18.64
N ALA A 13 -32.81 12.19 -18.66
CA ALA A 13 -33.49 11.80 -17.42
C ALA A 13 -32.51 11.24 -16.39
N LEU A 14 -31.69 10.27 -16.81
CA LEU A 14 -30.72 9.68 -15.90
C LEU A 14 -29.76 10.72 -15.33
N LEU A 15 -29.43 11.75 -16.11
CA LEU A 15 -28.54 12.81 -15.64
C LEU A 15 -29.25 13.86 -14.81
N GLU A 16 -30.56 14.01 -14.97
CA GLU A 16 -31.33 14.97 -14.18
C GLU A 16 -31.92 14.38 -12.92
N ALA A 17 -31.90 13.05 -12.78
CA ALA A 17 -32.45 12.41 -11.60
C ALA A 17 -31.63 12.81 -10.37
N ARG A 18 -32.31 12.81 -9.20
CA ARG A 18 -31.65 13.24 -7.97
C ARG A 18 -30.39 12.42 -7.68
N SER A 19 -30.35 11.17 -8.15
CA SER A 19 -29.20 10.33 -7.87
C SER A 19 -28.85 9.46 -9.08
N GLY A 20 -27.56 9.23 -9.26
CA GLY A 20 -27.08 8.33 -10.27
C GLY A 20 -27.21 6.88 -9.82
N PRO A 21 -26.65 5.96 -10.59
CA PRO A 21 -26.89 4.53 -10.35
C PRO A 21 -26.01 3.91 -9.28
N PHE A 22 -25.07 4.65 -8.71
CA PHE A 22 -24.12 4.11 -7.74
C PHE A 22 -24.58 4.43 -6.32
N SER A 23 -24.69 3.40 -5.51
CA SER A 23 -24.91 3.59 -4.08
C SER A 23 -23.64 4.17 -3.47
N VAL A 24 -23.81 5.07 -2.52
CA VAL A 24 -22.74 5.90 -2.00
C VAL A 24 -22.60 5.66 -0.51
N SER A 25 -21.37 5.66 -0.01
CA SER A 25 -21.12 5.71 1.42
C SER A 25 -20.17 6.88 1.68
N GLU A 26 -19.98 7.23 2.96
CA GLU A 26 -19.26 8.44 3.33
C GLU A 26 -18.10 8.13 4.28
N GLU A 27 -17.00 8.85 4.13
CA GLU A 27 -15.91 8.81 5.10
C GLU A 27 -15.75 10.20 5.70
N ASN A 28 -15.88 10.30 7.02
CA ASN A 28 -15.74 11.58 7.71
C ASN A 28 -14.26 11.90 7.89
N VAL A 29 -13.89 13.13 7.57
CA VAL A 29 -12.52 13.60 7.74
C VAL A 29 -12.54 14.67 8.82
N SER A 30 -12.06 14.33 10.01
CA SER A 30 -12.15 15.32 11.09
C SER A 30 -11.18 16.47 10.82
N ARG A 31 -11.46 17.60 11.46
CA ARG A 31 -10.56 18.73 11.40
C ARG A 31 -9.19 18.34 11.96
N LEU A 32 -9.19 17.54 13.02
CA LEU A 32 -7.94 17.02 13.59
C LEU A 32 -7.15 16.21 12.57
N SER A 33 -7.82 15.30 11.85
CA SER A 33 -7.11 14.42 10.93
C SER A 33 -6.78 15.08 9.60
N ALA A 34 -7.28 16.27 9.34
CA ALA A 34 -7.09 16.94 8.07
C ALA A 34 -5.89 17.88 8.18
N SER A 35 -4.96 17.74 7.26
CA SER A 35 -3.76 18.58 7.18
C SER A 35 -3.89 19.55 6.03
N GLY A 36 -3.92 20.85 6.34
CA GLY A 36 -4.03 21.88 5.32
C GLY A 36 -5.43 22.25 4.88
N PHE A 37 -6.47 21.68 5.51
CA PHE A 37 -7.84 22.14 5.30
C PHE A 37 -8.65 21.84 6.55
N GLY A 38 -9.94 22.17 6.51
CA GLY A 38 -10.76 22.10 7.70
C GLY A 38 -11.58 20.84 7.90
N GLY A 39 -11.18 19.73 7.27
CA GLY A 39 -11.98 18.52 7.35
C GLY A 39 -12.99 18.43 6.23
N GLY A 40 -13.92 17.49 6.38
CA GLY A 40 -14.98 17.36 5.42
C GLY A 40 -15.48 15.93 5.33
N THR A 41 -16.07 15.62 4.18
CA THR A 41 -16.76 14.36 3.98
C THR A 41 -16.39 13.85 2.61
N ILE A 42 -15.99 12.58 2.55
CA ILE A 42 -15.69 11.92 1.28
C ILE A 42 -16.87 11.04 0.92
N TYR A 43 -17.49 11.33 -0.23
CA TYR A 43 -18.54 10.48 -0.80
C TYR A 43 -17.88 9.56 -1.83
N TYR A 44 -18.21 8.26 -1.77
CA TYR A 44 -17.55 7.31 -2.66
C TYR A 44 -18.51 6.17 -2.98
N PRO A 45 -18.37 5.55 -4.15
CA PRO A 45 -19.27 4.44 -4.50
C PRO A 45 -18.93 3.18 -3.70
N ARG A 46 -19.97 2.54 -3.16
CA ARG A 46 -19.76 1.26 -2.48
C ARG A 46 -19.13 0.21 -3.39
N GLU A 47 -19.49 0.22 -4.68
CA GLU A 47 -19.03 -0.83 -5.58
C GLU A 47 -17.52 -0.72 -5.79
N ASN A 48 -16.82 -1.84 -5.59
CA ASN A 48 -15.37 -1.76 -5.62
C ASN A 48 -14.88 -1.59 -7.04
N ASN A 49 -14.03 -0.58 -7.22
CA ASN A 49 -13.50 -0.19 -8.52
C ASN A 49 -12.64 1.03 -8.28
N THR A 50 -11.87 1.45 -9.28
CA THR A 50 -11.21 2.74 -9.19
C THR A 50 -12.05 3.77 -9.92
N TYR A 51 -12.00 5.01 -9.42
CA TYR A 51 -12.80 6.10 -9.97
C TYR A 51 -11.96 7.37 -9.98
N GLY A 52 -12.39 8.33 -10.80
CA GLY A 52 -11.83 9.66 -10.68
C GLY A 52 -12.14 10.27 -9.33
N ALA A 53 -11.38 11.30 -8.97
CA ALA A 53 -11.56 11.92 -7.66
C ALA A 53 -11.65 13.43 -7.79
N VAL A 54 -12.49 14.01 -6.94
CA VAL A 54 -12.92 15.39 -7.05
C VAL A 54 -12.93 16.00 -5.66
N ALA A 55 -12.41 17.23 -5.54
CA ALA A 55 -12.48 18.00 -4.32
C ALA A 55 -13.31 19.25 -4.57
N ILE A 56 -14.20 19.57 -3.63
CA ILE A 56 -15.15 20.66 -3.82
C ILE A 56 -15.09 21.58 -2.61
N SER A 57 -14.92 22.87 -2.86
CA SER A 57 -14.85 23.88 -1.83
C SER A 57 -16.14 24.69 -1.76
N PRO A 58 -16.63 24.99 -0.56
CA PRO A 58 -17.73 25.95 -0.40
C PRO A 58 -17.21 27.38 -0.54
N GLY A 59 -18.11 28.33 -0.35
CA GLY A 59 -17.76 29.73 -0.46
C GLY A 59 -17.52 30.43 0.88
N TYR A 60 -17.30 31.74 0.75
CA TYR A 60 -17.14 32.63 1.90
C TYR A 60 -18.28 32.49 2.92
N THR A 61 -17.91 32.26 4.18
CA THR A 61 -18.76 32.06 5.35
C THR A 61 -19.43 30.69 5.38
N GLY A 62 -19.28 29.87 4.33
CA GLY A 62 -19.99 28.61 4.24
C GLY A 62 -19.14 27.41 4.65
N THR A 63 -19.82 26.27 4.77
CA THR A 63 -19.20 25.02 5.14
C THR A 63 -19.63 23.96 4.14
N GLU A 64 -19.09 22.74 4.32
CA GLU A 64 -19.44 21.62 3.46
C GLU A 64 -20.95 21.40 3.34
N ALA A 65 -21.74 21.85 4.31
CA ALA A 65 -23.16 21.55 4.30
C ALA A 65 -23.84 22.21 3.12
N SER A 66 -23.28 23.31 2.63
CA SER A 66 -23.86 24.05 1.51
C SER A 66 -23.55 23.44 0.15
N ILE A 67 -22.74 22.38 0.08
CA ILE A 67 -22.37 21.76 -1.20
C ILE A 67 -22.55 20.24 -1.10
N ALA A 68 -23.14 19.78 0.00
CA ALA A 68 -23.23 18.35 0.28
C ALA A 68 -24.01 17.61 -0.80
N TRP A 69 -25.15 18.17 -1.21
CA TRP A 69 -25.96 17.54 -2.25
C TRP A 69 -25.13 17.26 -3.49
N LEU A 70 -24.21 18.17 -3.82
CA LEU A 70 -23.36 18.00 -5.00
C LEU A 70 -22.35 16.87 -4.79
N GLY A 71 -21.72 16.80 -3.60
CA GLY A 71 -20.82 15.70 -3.34
C GLY A 71 -21.51 14.35 -3.47
N GLU A 72 -22.67 14.21 -2.84
CA GLU A 72 -23.45 12.98 -2.94
C GLU A 72 -23.85 12.70 -4.39
N ARG A 73 -24.39 13.71 -5.08
CA ARG A 73 -24.91 13.48 -6.42
C ARG A 73 -23.80 13.05 -7.40
N ILE A 74 -22.66 13.73 -7.38
CA ILE A 74 -21.56 13.38 -8.25
C ILE A 74 -21.01 11.99 -7.92
N ALA A 75 -20.87 11.68 -6.63
CA ALA A 75 -20.36 10.37 -6.24
C ALA A 75 -21.26 9.24 -6.75
N SER A 76 -22.58 9.47 -6.74
CA SER A 76 -23.52 8.44 -7.20
C SER A 76 -23.47 8.23 -8.70
N HIS A 77 -22.68 9.02 -9.43
CA HIS A 77 -22.38 8.74 -10.82
C HIS A 77 -20.97 8.20 -11.02
N GLY A 78 -20.37 7.64 -9.96
CA GLY A 78 -19.08 6.98 -10.12
C GLY A 78 -17.87 7.88 -9.98
N PHE A 79 -17.80 8.62 -8.87
CA PHE A 79 -16.62 9.40 -8.54
C PHE A 79 -16.43 9.33 -7.04
N VAL A 80 -15.19 9.59 -6.61
CA VAL A 80 -14.87 9.77 -5.20
C VAL A 80 -14.73 11.26 -4.97
N VAL A 81 -15.54 11.81 -4.05
CA VAL A 81 -15.75 13.25 -3.94
C VAL A 81 -15.61 13.68 -2.48
N ILE A 82 -14.81 14.71 -2.23
CA ILE A 82 -14.72 15.30 -0.90
C ILE A 82 -15.32 16.70 -0.95
N THR A 83 -16.31 16.94 -0.09
CA THR A 83 -16.74 18.30 0.25
C THR A 83 -15.97 18.76 1.48
N ILE A 84 -15.19 19.85 1.36
CA ILE A 84 -14.31 20.26 2.44
C ILE A 84 -14.95 21.39 3.24
N ASP A 85 -14.54 21.49 4.49
CA ASP A 85 -14.58 22.74 5.23
C ASP A 85 -13.21 23.38 5.13
N THR A 86 -13.18 24.70 5.16
CA THR A 86 -11.93 25.42 5.10
C THR A 86 -11.44 25.71 6.52
N ILE A 87 -10.17 26.08 6.63
CA ILE A 87 -9.58 26.29 7.94
C ILE A 87 -10.36 27.33 8.73
N THR A 88 -10.77 28.41 8.08
CA THR A 88 -11.77 29.31 8.62
C THR A 88 -12.79 29.63 7.52
N THR A 89 -13.98 30.07 7.94
CA THR A 89 -14.97 30.39 6.92
C THR A 89 -14.60 31.65 6.14
N LEU A 90 -13.63 32.42 6.60
CA LEU A 90 -13.28 33.67 5.96
C LEU A 90 -12.08 33.56 4.99
N ASP A 91 -11.57 32.35 4.76
CA ASP A 91 -10.41 32.18 3.89
C ASP A 91 -10.69 32.70 2.48
N GLN A 92 -9.69 33.37 1.90
CA GLN A 92 -9.82 33.99 0.58
C GLN A 92 -9.66 32.93 -0.52
N PRO A 93 -10.03 33.26 -1.77
CA PRO A 93 -10.02 32.21 -2.82
C PRO A 93 -8.68 31.49 -2.96
N ASP A 94 -7.57 32.23 -2.93
CA ASP A 94 -6.29 31.59 -3.20
C ASP A 94 -5.81 30.74 -2.04
N SER A 95 -6.31 31.02 -0.83
CA SER A 95 -6.13 30.06 0.26
C SER A 95 -7.00 28.83 0.02
N ARG A 96 -8.23 29.04 -0.44
CA ARG A 96 -9.11 27.93 -0.77
C ARG A 96 -8.49 27.00 -1.81
N ALA A 97 -7.76 27.56 -2.79
CA ALA A 97 -7.03 26.72 -3.74
C ALA A 97 -6.03 25.81 -3.04
N GLU A 98 -5.30 26.32 -2.05
CA GLU A 98 -4.36 25.46 -1.31
C GLU A 98 -5.10 24.34 -0.58
N GLN A 99 -6.24 24.66 0.02
CA GLN A 99 -6.94 23.66 0.82
C GLN A 99 -7.56 22.59 -0.06
N LEU A 100 -8.06 22.96 -1.24
CA LEU A 100 -8.53 21.96 -2.19
C LEU A 100 -7.39 21.01 -2.55
N ASN A 101 -6.20 21.55 -2.79
CA ASN A 101 -5.05 20.71 -3.11
C ASN A 101 -4.75 19.76 -1.96
N ALA A 102 -4.78 20.26 -0.74
CA ALA A 102 -4.55 19.41 0.42
C ALA A 102 -5.64 18.35 0.54
N ALA A 103 -6.86 18.66 0.12
CA ALA A 103 -7.93 17.67 0.19
C ALA A 103 -7.74 16.57 -0.85
N LEU A 104 -7.27 16.93 -2.05
CA LEU A 104 -6.91 15.91 -3.03
C LEU A 104 -5.85 14.99 -2.45
N ASN A 105 -4.80 15.57 -1.87
CA ASN A 105 -3.75 14.75 -1.30
C ASN A 105 -4.27 13.89 -0.14
N HIS A 106 -5.18 14.44 0.67
CA HIS A 106 -5.74 13.65 1.77
C HIS A 106 -6.44 12.39 1.25
N MET A 107 -7.29 12.56 0.23
CA MET A 107 -8.00 11.41 -0.34
C MET A 107 -7.03 10.38 -0.90
N ILE A 108 -5.99 10.83 -1.59
CA ILE A 108 -5.06 9.91 -2.24
C ILE A 108 -4.20 9.18 -1.21
N ASN A 109 -3.69 9.90 -0.19
CA ASN A 109 -2.60 9.43 0.64
C ASN A 109 -2.96 9.17 2.10
N ARG A 110 -3.98 9.84 2.66
CA ARG A 110 -4.24 9.77 4.09
C ARG A 110 -5.58 9.16 4.47
N ALA A 111 -6.52 9.04 3.54
CA ALA A 111 -7.80 8.43 3.88
C ALA A 111 -7.62 6.93 4.11
N SER A 112 -8.71 6.27 4.50
CA SER A 112 -8.65 4.84 4.74
C SER A 112 -8.41 4.09 3.44
N SER A 113 -8.02 2.82 3.60
CA SER A 113 -7.76 1.99 2.43
C SER A 113 -9.01 1.87 1.57
N THR A 114 -10.18 1.83 2.20
CA THR A 114 -11.43 1.78 1.45
C THR A 114 -11.50 2.92 0.44
N VAL A 115 -11.13 4.13 0.87
CA VAL A 115 -11.21 5.27 -0.01
C VAL A 115 -10.03 5.31 -0.96
N ARG A 116 -8.81 5.07 -0.45
CA ARG A 116 -7.64 5.16 -1.32
C ARG A 116 -7.72 4.14 -2.43
N SER A 117 -8.25 2.96 -2.14
CA SER A 117 -8.28 1.95 -3.18
C SER A 117 -9.32 2.23 -4.24
N ARG A 118 -10.22 3.19 -4.02
CA ARG A 118 -11.23 3.51 -5.02
C ARG A 118 -10.85 4.71 -5.87
N ILE A 119 -9.62 5.20 -5.76
CA ILE A 119 -9.21 6.41 -6.44
C ILE A 119 -8.13 6.07 -7.44
N ASP A 120 -8.32 6.50 -8.69
CA ASP A 120 -7.25 6.55 -9.67
C ASP A 120 -6.58 7.90 -9.49
N SER A 121 -5.39 7.91 -8.90
CA SER A 121 -4.77 9.17 -8.51
C SER A 121 -4.28 9.97 -9.70
N SER A 122 -4.32 9.42 -10.90
CA SER A 122 -3.96 10.15 -12.11
C SER A 122 -5.12 10.93 -12.71
N ARG A 123 -6.33 10.83 -12.16
CA ARG A 123 -7.53 11.44 -12.77
C ARG A 123 -8.29 12.24 -11.71
N LEU A 124 -7.94 13.53 -11.60
CA LEU A 124 -8.42 14.41 -10.55
C LEU A 124 -9.15 15.62 -11.15
N ALA A 125 -10.07 16.17 -10.36
CA ALA A 125 -10.83 17.36 -10.75
C ALA A 125 -11.06 18.23 -9.53
N VAL A 126 -11.42 19.48 -9.76
CA VAL A 126 -11.65 20.44 -8.69
C VAL A 126 -12.90 21.27 -9.02
N MET A 127 -13.65 21.61 -7.97
CA MET A 127 -14.88 22.38 -8.13
C MET A 127 -15.01 23.27 -6.91
N GLY A 128 -15.84 24.29 -7.03
CA GLY A 128 -16.09 25.11 -5.87
C GLY A 128 -17.18 26.10 -6.13
N HIS A 129 -17.78 26.57 -5.03
CA HIS A 129 -18.86 27.54 -5.10
C HIS A 129 -18.31 28.90 -4.72
N ALA A 130 -18.60 29.89 -5.56
CA ALA A 130 -18.21 31.27 -5.29
C ALA A 130 -16.72 31.38 -5.00
N MET A 131 -16.33 31.85 -3.81
CA MET A 131 -14.90 31.94 -3.50
C MET A 131 -14.19 30.61 -3.72
N GLY A 132 -14.89 29.49 -3.52
CA GLY A 132 -14.30 28.21 -3.84
C GLY A 132 -14.20 27.96 -5.32
N GLY A 133 -15.10 28.57 -6.11
CA GLY A 133 -14.94 28.51 -7.56
C GLY A 133 -13.71 29.27 -8.01
N GLY A 134 -13.47 30.44 -7.41
CA GLY A 134 -12.21 31.11 -7.63
C GLY A 134 -11.03 30.26 -7.19
N GLY A 135 -11.18 29.55 -6.07
CA GLY A 135 -10.14 28.60 -5.67
C GLY A 135 -9.93 27.51 -6.70
N SER A 136 -11.02 27.06 -7.34
CA SER A 136 -10.91 26.09 -8.44
C SER A 136 -10.08 26.63 -9.58
N LEU A 137 -10.31 27.89 -9.95
CA LEU A 137 -9.58 28.48 -11.07
C LEU A 137 -8.09 28.56 -10.75
N ARG A 138 -7.76 29.00 -9.53
CA ARG A 138 -6.38 29.10 -9.09
C ARG A 138 -5.71 27.74 -9.09
N LEU A 139 -6.37 26.72 -8.54
CA LEU A 139 -5.73 25.41 -8.50
C LEU A 139 -5.55 24.84 -9.90
N ALA A 140 -6.55 25.02 -10.77
CA ALA A 140 -6.40 24.57 -12.17
C ALA A 140 -5.24 25.28 -12.84
N SER A 141 -5.08 26.57 -12.54
CA SER A 141 -3.93 27.32 -13.01
C SER A 141 -2.62 26.71 -12.51
N GLN A 142 -2.57 26.31 -11.23
CA GLN A 142 -1.33 25.82 -10.63
C GLN A 142 -1.06 24.34 -10.95
N ARG A 143 -2.07 23.57 -11.34
CA ARG A 143 -1.90 22.14 -11.61
C ARG A 143 -2.48 21.81 -12.98
N PRO A 144 -1.72 22.08 -14.06
CA PRO A 144 -2.15 21.66 -15.40
C PRO A 144 -2.48 20.18 -15.50
N ASP A 145 -2.01 19.38 -14.53
CA ASP A 145 -2.26 17.96 -14.59
C ASP A 145 -3.69 17.59 -14.19
N LEU A 146 -4.42 18.49 -13.55
CA LEU A 146 -5.83 18.19 -13.26
C LEU A 146 -6.58 17.91 -14.55
N LYS A 147 -7.59 17.04 -14.46
CA LYS A 147 -8.34 16.63 -15.63
C LYS A 147 -9.54 17.53 -15.93
N ALA A 148 -10.07 18.23 -14.94
CA ALA A 148 -11.27 19.05 -15.12
C ALA A 148 -11.34 20.05 -13.98
N ALA A 149 -11.99 21.17 -14.24
CA ALA A 149 -12.27 22.15 -13.19
C ALA A 149 -13.66 22.69 -13.44
N ILE A 150 -14.45 22.86 -12.37
CA ILE A 150 -15.79 23.38 -12.53
C ILE A 150 -16.09 24.49 -11.52
N PRO A 151 -15.74 25.75 -11.81
CA PRO A 151 -16.12 26.84 -10.89
C PRO A 151 -17.60 27.14 -10.99
N LEU A 152 -18.29 27.13 -9.85
CA LEU A 152 -19.72 27.38 -9.77
C LEU A 152 -19.95 28.77 -9.19
N THR A 153 -20.73 29.58 -9.90
CA THR A 153 -20.91 31.01 -9.66
C THR A 153 -19.66 31.58 -9.00
N PRO A 154 -18.50 31.50 -9.66
CA PRO A 154 -17.24 31.77 -8.98
C PRO A 154 -17.05 33.24 -8.69
N TRP A 155 -16.23 33.50 -7.67
CA TRP A 155 -15.84 34.83 -7.27
C TRP A 155 -14.33 34.89 -7.13
N HIS A 156 -13.71 35.92 -7.71
CA HIS A 156 -12.26 36.09 -7.61
C HIS A 156 -11.89 37.49 -8.09
N LEU A 157 -10.97 38.14 -7.37
CA LEU A 157 -10.51 39.47 -7.77
C LEU A 157 -9.63 39.42 -9.00
N ASN A 158 -8.91 38.33 -9.22
CA ASN A 158 -8.13 38.18 -10.43
C ASN A 158 -9.06 37.77 -11.56
N LYS A 159 -9.03 38.53 -12.66
CA LYS A 159 -9.89 38.22 -13.77
C LYS A 159 -9.15 37.55 -14.93
N ASN A 160 -7.84 37.35 -14.80
CA ASN A 160 -7.02 36.81 -15.89
C ASN A 160 -6.68 35.34 -15.60
N TRP A 161 -7.36 34.43 -16.27
CA TRP A 161 -7.07 33.01 -16.14
C TRP A 161 -6.47 32.41 -17.42
N SER A 162 -5.70 33.21 -18.16
CA SER A 162 -5.10 32.73 -19.41
C SER A 162 -4.03 31.66 -19.19
N SER A 163 -3.63 31.42 -17.94
CA SER A 163 -2.68 30.37 -17.63
C SER A 163 -3.33 29.00 -17.51
N VAL A 164 -4.66 28.94 -17.40
CA VAL A 164 -5.36 27.67 -17.21
C VAL A 164 -5.40 26.90 -18.51
N THR A 165 -4.97 25.64 -18.48
CA THR A 165 -5.22 24.76 -19.60
C THR A 165 -6.04 23.54 -19.21
N VAL A 166 -6.50 23.43 -17.97
CA VAL A 166 -7.41 22.35 -17.56
C VAL A 166 -8.76 22.55 -18.24
N PRO A 167 -9.41 21.47 -18.78
CA PRO A 167 -10.79 21.60 -19.26
C PRO A 167 -11.75 22.18 -18.24
N THR A 168 -12.27 23.39 -18.47
CA THR A 168 -12.95 24.17 -17.45
C THR A 168 -14.37 24.51 -17.88
N LEU A 169 -15.35 24.09 -17.09
CA LEU A 169 -16.74 24.52 -17.24
C LEU A 169 -17.06 25.51 -16.14
N ILE A 170 -17.34 26.76 -16.51
CA ILE A 170 -17.77 27.78 -15.58
C ILE A 170 -19.29 27.87 -15.62
N ILE A 171 -19.93 27.87 -14.47
CA ILE A 171 -21.37 27.99 -14.38
C ILE A 171 -21.69 29.31 -13.70
N GLY A 172 -22.46 30.16 -14.40
CA GLY A 172 -22.84 31.44 -13.87
C GLY A 172 -24.32 31.46 -13.52
N ALA A 173 -24.73 32.42 -12.69
CA ALA A 173 -26.14 32.64 -12.36
C ALA A 173 -26.53 34.05 -12.78
N ASP A 174 -27.59 34.15 -13.59
CA ASP A 174 -27.98 35.45 -14.14
C ASP A 174 -28.29 36.46 -13.04
N LEU A 175 -28.99 36.03 -11.99
CA LEU A 175 -29.34 36.95 -10.90
C LEU A 175 -28.31 36.99 -9.77
N ASP A 176 -27.10 36.47 -9.98
CA ASP A 176 -26.06 36.47 -8.96
C ASP A 176 -25.63 37.92 -8.69
N THR A 177 -25.91 38.44 -7.49
CA THR A 177 -25.48 39.78 -7.10
C THR A 177 -24.19 39.79 -6.31
N ILE A 178 -23.69 38.63 -5.93
CA ILE A 178 -22.47 38.52 -5.14
C ILE A 178 -21.24 38.41 -6.04
N ALA A 179 -21.33 37.58 -7.08
CA ALA A 179 -20.30 37.49 -8.11
C ALA A 179 -20.97 37.68 -9.47
N PRO A 180 -21.40 38.91 -9.78
CA PRO A 180 -22.12 39.17 -11.03
C PRO A 180 -21.36 38.62 -12.22
N VAL A 181 -22.08 37.92 -13.11
CA VAL A 181 -21.42 37.25 -14.23
C VAL A 181 -20.65 38.25 -15.07
N ALA A 182 -21.10 39.51 -15.13
CA ALA A 182 -20.45 40.52 -15.96
C ALA A 182 -19.04 40.83 -15.48
N THR A 183 -18.75 40.63 -14.19
CA THR A 183 -17.45 40.99 -13.64
C THR A 183 -16.70 39.83 -13.02
N HIS A 184 -17.29 38.63 -12.97
CA HIS A 184 -16.57 37.45 -12.54
C HIS A 184 -16.66 36.35 -13.58
N ALA A 185 -17.78 35.61 -13.61
CA ALA A 185 -17.87 34.38 -14.40
C ALA A 185 -17.49 34.59 -15.87
N LYS A 186 -18.07 35.62 -16.53
CA LYS A 186 -17.76 35.81 -17.94
C LYS A 186 -16.32 36.27 -18.16
N PRO A 187 -15.79 37.26 -17.44
CA PRO A 187 -14.36 37.59 -17.63
C PRO A 187 -13.46 36.40 -17.41
N PHE A 188 -13.80 35.52 -16.47
CA PHE A 188 -13.02 34.30 -16.31
C PHE A 188 -13.06 33.48 -17.58
N TYR A 189 -14.26 33.19 -18.09
CA TYR A 189 -14.39 32.40 -19.31
C TYR A 189 -13.62 33.05 -20.47
N ASN A 190 -13.74 34.37 -20.61
CA ASN A 190 -13.15 35.03 -21.77
C ASN A 190 -11.64 35.11 -21.68
N SER A 191 -11.06 35.09 -20.48
CA SER A 191 -9.60 35.13 -20.36
C SER A 191 -8.96 33.74 -20.48
N LEU A 192 -9.72 32.66 -20.26
CA LEU A 192 -9.20 31.34 -20.57
C LEU A 192 -8.84 31.29 -22.05
N PRO A 193 -7.80 30.55 -22.43
CA PRO A 193 -7.38 30.53 -23.85
C PRO A 193 -8.49 29.97 -24.73
N SER A 194 -8.60 30.51 -25.93
CA SER A 194 -9.51 29.96 -26.91
C SER A 194 -9.11 28.57 -27.36
N SER A 195 -7.91 28.10 -27.01
CA SER A 195 -7.35 26.86 -27.51
C SER A 195 -7.57 25.65 -26.60
N ILE A 196 -8.15 25.85 -25.41
CA ILE A 196 -8.39 24.76 -24.50
C ILE A 196 -9.84 24.29 -24.65
N SER A 197 -10.18 23.19 -23.97
CA SER A 197 -11.58 22.79 -23.82
C SER A 197 -12.22 23.57 -22.67
N LYS A 198 -13.26 24.34 -22.97
CA LYS A 198 -13.94 25.13 -21.96
C LYS A 198 -15.38 25.32 -22.35
N ALA A 199 -16.19 25.68 -21.37
CA ALA A 199 -17.59 26.03 -21.62
C ALA A 199 -18.05 27.02 -20.56
N TYR A 200 -18.91 27.96 -20.98
CA TYR A 200 -19.61 28.85 -20.07
C TYR A 200 -21.10 28.51 -20.13
N LEU A 201 -21.66 28.17 -18.98
CA LEU A 201 -23.09 27.86 -18.86
C LEU A 201 -23.67 28.82 -17.83
N GLU A 202 -24.64 29.62 -18.26
CA GLU A 202 -25.25 30.58 -17.35
C GLU A 202 -26.68 30.15 -17.09
N LEU A 203 -27.02 30.02 -15.81
CA LEU A 203 -28.34 29.58 -15.41
C LEU A 203 -29.36 30.71 -15.52
N ASP A 204 -30.57 30.32 -15.88
CA ASP A 204 -31.72 31.20 -16.01
C ASP A 204 -32.44 31.28 -14.68
N GLY A 205 -32.71 32.49 -14.20
CA GLY A 205 -33.44 32.67 -12.96
C GLY A 205 -32.75 32.04 -11.76
N ALA A 206 -31.47 32.33 -11.60
CA ALA A 206 -30.67 31.70 -10.57
C ALA A 206 -29.90 32.77 -9.82
N THR A 207 -29.85 32.65 -8.50
CA THR A 207 -29.08 33.57 -7.69
C THR A 207 -27.74 32.96 -7.31
N HIS A 208 -26.99 33.67 -6.48
CA HIS A 208 -25.74 33.19 -5.91
C HIS A 208 -25.89 31.89 -5.11
N PHE A 209 -27.09 31.61 -4.58
CA PHE A 209 -27.30 30.39 -3.79
C PHE A 209 -27.64 29.18 -4.64
N ALA A 210 -27.82 29.34 -5.95
CA ALA A 210 -28.29 28.23 -6.78
C ALA A 210 -27.43 26.98 -6.66
N PRO A 211 -26.10 27.04 -6.66
CA PRO A 211 -25.32 25.80 -6.48
C PRO A 211 -25.52 25.15 -5.12
N ASN A 212 -26.13 25.82 -4.13
CA ASN A 212 -26.38 25.23 -2.82
C ASN A 212 -27.73 24.54 -2.73
N ILE A 213 -28.52 24.57 -3.81
CA ILE A 213 -29.86 23.99 -3.85
C ILE A 213 -29.85 22.90 -4.91
N PRO A 214 -30.25 21.66 -4.59
CA PRO A 214 -30.24 20.60 -5.59
C PRO A 214 -30.83 21.09 -6.92
N ASN A 215 -30.05 20.92 -7.99
CA ASN A 215 -30.31 21.62 -9.23
C ASN A 215 -30.07 20.66 -10.38
N LYS A 216 -31.13 20.36 -11.14
CA LYS A 216 -31.02 19.39 -12.23
C LYS A 216 -29.99 19.81 -13.26
N ILE A 217 -29.94 21.11 -13.58
CA ILE A 217 -29.05 21.56 -14.65
C ILE A 217 -27.60 21.53 -14.20
N ILE A 218 -27.33 22.04 -13.00
CA ILE A 218 -26.00 21.95 -12.42
C ILE A 218 -25.58 20.49 -12.30
N GLY A 219 -26.48 19.65 -11.78
CA GLY A 219 -26.15 18.24 -11.64
C GLY A 219 -25.85 17.59 -12.97
N LYS A 220 -26.71 17.81 -13.96
CA LYS A 220 -26.51 17.22 -15.27
C LYS A 220 -25.14 17.59 -15.86
N TYR A 221 -24.84 18.88 -15.95
CA TYR A 221 -23.70 19.27 -16.77
C TYR A 221 -22.37 19.16 -16.02
N SER A 222 -22.36 19.34 -14.70
CA SER A 222 -21.20 18.99 -13.89
C SER A 222 -20.79 17.53 -14.12
N VAL A 223 -21.74 16.60 -13.92
CA VAL A 223 -21.44 15.19 -14.14
C VAL A 223 -21.01 14.94 -15.58
N ALA A 224 -21.68 15.56 -16.54
CA ALA A 224 -21.30 15.35 -17.94
C ALA A 224 -19.88 15.85 -18.20
N TRP A 225 -19.55 17.04 -17.68
CA TRP A 225 -18.20 17.56 -17.81
C TRP A 225 -17.17 16.64 -17.15
N LEU A 226 -17.48 16.13 -15.95
CA LEU A 226 -16.55 15.22 -15.28
C LEU A 226 -16.40 13.92 -16.05
N LYS A 227 -17.52 13.34 -16.49
CA LYS A 227 -17.47 12.10 -17.28
C LYS A 227 -16.60 12.28 -18.52
N ARG A 228 -16.81 13.37 -19.24
CA ARG A 228 -16.10 13.59 -20.50
C ARG A 228 -14.59 13.75 -20.29
N PHE A 229 -14.18 14.41 -19.22
CA PHE A 229 -12.78 14.79 -19.09
C PHE A 229 -12.04 14.07 -17.97
N VAL A 230 -12.71 13.69 -16.89
CA VAL A 230 -12.05 12.85 -15.90
C VAL A 230 -11.98 11.40 -16.38
N ASP A 231 -13.06 10.90 -16.97
CA ASP A 231 -13.15 9.51 -17.42
C ASP A 231 -12.87 9.33 -18.92
N ASN A 232 -12.65 10.42 -19.67
CA ASN A 232 -12.56 10.37 -21.14
C ASN A 232 -13.79 9.70 -21.75
N ASP A 233 -14.95 9.95 -21.17
CA ASP A 233 -16.17 9.22 -21.53
C ASP A 233 -16.90 9.96 -22.64
N THR A 234 -16.59 9.59 -23.89
CA THR A 234 -17.19 10.26 -25.04
C THR A 234 -18.68 9.99 -25.16
N ARG A 235 -19.25 9.08 -24.36
CA ARG A 235 -20.71 8.95 -24.32
C ARG A 235 -21.37 10.23 -23.83
N TYR A 236 -20.63 11.08 -23.15
CA TYR A 236 -21.18 12.31 -22.58
C TYR A 236 -20.95 13.52 -23.46
N THR A 237 -20.28 13.37 -24.60
CA THR A 237 -20.08 14.49 -25.50
C THR A 237 -21.41 15.02 -26.02
N GLN A 238 -22.39 14.15 -26.21
CA GLN A 238 -23.68 14.56 -26.76
C GLN A 238 -24.35 15.67 -25.94
N PHE A 239 -24.05 15.76 -24.64
CA PHE A 239 -24.69 16.76 -23.78
C PHE A 239 -23.97 18.10 -23.78
N LEU A 240 -22.68 18.09 -24.09
CA LEU A 240 -21.84 19.28 -24.10
C LEU A 240 -21.72 19.93 -25.47
N CYS A 241 -21.86 19.18 -26.55
CA CYS A 241 -21.73 19.73 -27.90
C CYS A 241 -22.94 19.30 -28.72
N PRO A 242 -23.77 20.23 -29.22
CA PRO A 242 -23.64 21.69 -29.09
C PRO A 242 -23.94 22.25 -27.68
N GLY A 243 -24.47 21.42 -26.77
CA GLY A 243 -24.76 21.87 -25.42
C GLY A 243 -26.19 22.31 -25.24
N PRO A 244 -26.56 22.69 -24.01
CA PRO A 244 -27.93 23.14 -23.76
C PRO A 244 -28.29 24.36 -24.59
N ARG A 245 -29.53 24.42 -25.04
CA ARG A 245 -29.96 25.51 -25.89
C ARG A 245 -30.16 26.77 -25.06
N ASP A 246 -29.67 27.91 -25.55
CA ASP A 246 -29.94 29.17 -24.87
C ASP A 246 -30.93 30.04 -25.64
N GLY A 247 -31.49 29.54 -26.74
CA GLY A 247 -32.44 30.30 -27.54
C GLY A 247 -33.90 30.13 -27.12
N LEU A 248 -34.79 30.19 -28.12
CA LEU A 248 -36.22 30.08 -27.86
C LEU A 248 -36.56 28.70 -27.27
N PHE A 249 -37.34 28.71 -26.18
CA PHE A 249 -37.70 27.51 -25.44
C PHE A 249 -36.49 26.78 -24.84
N GLY A 250 -35.33 27.44 -24.76
CA GLY A 250 -34.10 26.79 -24.34
C GLY A 250 -34.05 26.51 -22.85
N GLU A 251 -33.01 25.78 -22.43
CA GLU A 251 -32.92 25.38 -21.04
C GLU A 251 -31.98 26.27 -20.23
N VAL A 252 -31.16 27.09 -20.89
CA VAL A 252 -30.19 27.91 -20.16
C VAL A 252 -30.24 29.34 -20.66
N GLU A 253 -29.70 30.24 -19.84
CA GLU A 253 -29.60 31.65 -20.21
C GLU A 253 -28.56 31.84 -21.29
N GLU A 254 -27.45 31.12 -21.20
CA GLU A 254 -26.38 31.23 -22.17
C GLU A 254 -25.52 29.99 -22.08
N TYR A 255 -25.12 29.47 -23.24
CA TYR A 255 -24.12 28.44 -23.31
C TYR A 255 -23.16 28.79 -24.43
N ARG A 256 -21.87 28.61 -24.15
CA ARG A 256 -20.81 28.92 -25.08
C ARG A 256 -19.71 27.89 -24.83
N SER A 257 -19.07 27.40 -25.88
CA SER A 257 -18.06 26.37 -25.66
C SER A 257 -17.04 26.39 -26.80
N THR A 258 -15.98 25.60 -26.61
CA THR A 258 -15.00 25.34 -27.65
C THR A 258 -15.17 23.95 -28.24
N CYS A 259 -16.39 23.43 -28.20
CA CYS A 259 -16.76 22.28 -29.04
C CYS A 259 -16.30 22.52 -30.48
N PRO A 260 -15.83 21.49 -31.19
CA PRO A 260 -15.62 20.14 -30.66
C PRO A 260 -14.35 20.08 -29.82
N PHE A 261 -14.35 19.24 -28.78
CA PHE A 261 -13.19 19.09 -27.90
C PHE A 261 -12.22 18.06 -28.46
N MET B 1 -6.82 6.60 -26.42
CA MET B 1 -8.06 5.84 -26.61
C MET B 1 -8.04 4.59 -25.74
N ASN B 2 -7.04 3.74 -25.96
CA ASN B 2 -6.83 2.59 -25.10
C ASN B 2 -5.75 2.95 -24.09
N PRO B 3 -6.08 3.19 -22.83
CA PRO B 3 -5.06 3.57 -21.85
C PRO B 3 -4.14 2.43 -21.44
N TYR B 4 -4.44 1.19 -21.86
CA TYR B 4 -3.54 0.07 -21.64
C TYR B 4 -2.45 0.00 -22.70
N GLU B 5 -2.56 0.77 -23.79
CA GLU B 5 -1.56 0.71 -24.85
C GLU B 5 -0.20 1.18 -24.34
N ARG B 6 0.82 0.45 -24.72
CA ARG B 6 2.19 0.80 -24.39
C ARG B 6 3.05 0.68 -25.64
N GLY B 7 4.06 1.54 -25.72
CA GLY B 7 5.01 1.47 -26.80
C GLY B 7 4.49 1.93 -28.14
N PRO B 8 5.41 2.08 -29.10
CA PRO B 8 5.04 2.63 -30.41
C PRO B 8 4.22 1.65 -31.23
N ASN B 9 3.65 2.17 -32.32
CA ASN B 9 2.89 1.33 -33.24
C ASN B 9 3.77 0.21 -33.77
N PRO B 10 3.32 -1.04 -33.73
CA PRO B 10 4.21 -2.16 -34.04
C PRO B 10 4.41 -2.36 -35.54
N THR B 11 5.53 -3.01 -35.85
CA THR B 11 5.83 -3.51 -37.18
C THR B 11 6.46 -4.89 -37.04
N ASP B 12 6.52 -5.62 -38.16
CA ASP B 12 7.24 -6.88 -38.19
C ASP B 12 8.66 -6.73 -37.66
N ALA B 13 9.38 -5.72 -38.17
CA ALA B 13 10.74 -5.46 -37.70
C ALA B 13 10.78 -5.23 -36.20
N LEU B 14 9.94 -4.30 -35.72
CA LEU B 14 9.95 -3.96 -34.29
C LEU B 14 9.60 -5.17 -33.43
N LEU B 15 8.68 -6.01 -33.90
CA LEU B 15 8.32 -7.21 -33.16
C LEU B 15 9.36 -8.33 -33.29
N GLU B 16 10.14 -8.35 -34.37
CA GLU B 16 11.13 -9.40 -34.57
C GLU B 16 12.49 -9.06 -33.98
N ALA B 17 12.70 -7.79 -33.59
CA ALA B 17 14.00 -7.40 -33.04
C ALA B 17 14.22 -8.06 -31.68
N ARG B 18 15.50 -8.26 -31.35
CA ARG B 18 15.84 -8.95 -30.11
C ARG B 18 15.24 -8.29 -28.89
N SER B 19 14.96 -6.99 -28.95
CA SER B 19 14.41 -6.31 -27.78
C SER B 19 13.40 -5.23 -28.19
N GLY B 20 12.35 -5.08 -27.38
CA GLY B 20 11.38 -4.03 -27.56
C GLY B 20 11.90 -2.69 -27.06
N PRO B 21 11.04 -1.67 -27.05
CA PRO B 21 11.49 -0.30 -26.77
C PRO B 21 11.70 0.02 -25.30
N PHE B 22 11.28 -0.85 -24.38
CA PHE B 22 11.38 -0.56 -22.96
C PHE B 22 12.67 -1.13 -22.39
N SER B 23 13.39 -0.29 -21.64
CA SER B 23 14.53 -0.79 -20.90
C SER B 23 14.02 -1.58 -19.70
N VAL B 24 14.76 -2.62 -19.34
CA VAL B 24 14.28 -3.62 -18.39
C VAL B 24 15.20 -3.67 -17.18
N SER B 25 14.63 -3.89 -16.00
CA SER B 25 15.43 -4.20 -14.82
C SER B 25 14.90 -5.49 -14.22
N GLU B 26 15.69 -6.09 -13.33
CA GLU B 26 15.36 -7.39 -12.77
C GLU B 26 15.23 -7.32 -11.26
N GLU B 27 14.36 -8.16 -10.73
CA GLU B 27 14.26 -8.36 -9.28
C GLU B 27 14.43 -9.84 -9.01
N ASN B 28 15.44 -10.18 -8.20
CA ASN B 28 15.71 -11.56 -7.86
C ASN B 28 14.74 -12.03 -6.79
N VAL B 29 14.14 -13.19 -7.00
CA VAL B 29 13.24 -13.80 -6.03
C VAL B 29 13.94 -15.04 -5.51
N SER B 30 14.41 -15.00 -4.28
CA SER B 30 15.16 -16.14 -3.79
C SER B 30 14.21 -17.30 -3.49
N ARG B 31 14.77 -18.51 -3.52
CA ARG B 31 14.03 -19.69 -3.10
C ARG B 31 13.43 -19.50 -1.72
N LEU B 32 14.24 -18.97 -0.79
CA LEU B 32 13.78 -18.64 0.55
C LEU B 32 12.62 -17.67 0.55
N SER B 33 12.71 -16.62 -0.26
CA SER B 33 11.67 -15.59 -0.27
C SER B 33 10.40 -16.06 -0.99
N ALA B 34 10.47 -17.13 -1.76
CA ALA B 34 9.36 -17.55 -2.60
C ALA B 34 8.57 -18.64 -1.88
N SER B 35 7.25 -18.46 -1.85
CA SER B 35 6.33 -19.38 -1.21
C SER B 35 5.47 -20.04 -2.29
N GLY B 36 5.59 -21.36 -2.43
CA GLY B 36 4.83 -22.09 -3.41
C GLY B 36 5.49 -22.24 -4.77
N PHE B 37 6.71 -21.76 -4.94
CA PHE B 37 7.51 -22.07 -6.13
C PHE B 37 8.99 -21.94 -5.75
N GLY B 38 9.86 -22.12 -6.74
CA GLY B 38 11.28 -22.25 -6.46
C GLY B 38 12.09 -20.99 -6.62
N GLY B 39 11.44 -19.83 -6.67
CA GLY B 39 12.14 -18.57 -6.88
C GLY B 39 12.13 -18.17 -8.34
N GLY B 40 12.98 -17.22 -8.70
CA GLY B 40 13.07 -16.83 -10.09
C GLY B 40 13.49 -15.38 -10.24
N THR B 41 13.19 -14.83 -11.42
CA THR B 41 13.59 -13.48 -11.78
C THR B 41 12.37 -12.75 -12.32
N ILE B 42 12.16 -11.53 -11.83
CA ILE B 42 11.10 -10.67 -12.31
C ILE B 42 11.73 -9.62 -13.22
N TYR B 43 11.39 -9.65 -14.51
CA TYR B 43 11.79 -8.63 -15.46
C TYR B 43 10.69 -7.59 -15.54
N TYR B 44 11.07 -6.31 -15.63
CA TYR B 44 10.05 -5.27 -15.58
C TYR B 44 10.58 -4.00 -16.23
N PRO B 45 9.70 -3.16 -16.77
CA PRO B 45 10.17 -1.93 -17.42
C PRO B 45 10.57 -0.89 -16.40
N ARG B 46 11.72 -0.23 -16.64
CA ARG B 46 12.14 0.85 -15.77
C ARG B 46 11.15 2.01 -15.77
N GLU B 47 10.52 2.30 -16.91
CA GLU B 47 9.61 3.43 -16.99
C GLU B 47 8.42 3.22 -16.06
N ASN B 48 8.15 4.22 -15.24
CA ASN B 48 7.09 4.05 -14.25
C ASN B 48 5.73 4.14 -14.92
N ASN B 49 4.91 3.13 -14.65
CA ASN B 49 3.62 2.90 -15.27
C ASN B 49 3.14 1.57 -14.72
N THR B 50 1.85 1.29 -14.91
CA THR B 50 1.36 -0.05 -14.64
C THR B 50 1.32 -0.84 -15.95
N TYR B 51 1.63 -2.13 -15.84
CA TYR B 51 1.63 -3.03 -16.99
C TYR B 51 0.93 -4.33 -16.61
N GLY B 52 0.54 -5.09 -17.63
CA GLY B 52 0.13 -6.46 -17.39
C GLY B 52 1.28 -7.30 -16.88
N ALA B 53 0.95 -8.45 -16.30
CA ALA B 53 1.96 -9.30 -15.67
C ALA B 53 1.81 -10.75 -16.11
N VAL B 54 2.95 -11.41 -16.26
CA VAL B 54 3.07 -12.72 -16.87
C VAL B 54 3.98 -13.58 -15.99
N ALA B 55 3.58 -14.83 -15.76
CA ALA B 55 4.42 -15.83 -15.12
C ALA B 55 4.76 -16.91 -16.14
N ILE B 56 6.03 -17.31 -16.19
CA ILE B 56 6.48 -18.28 -17.18
C ILE B 56 7.20 -19.42 -16.49
N SER B 57 6.79 -20.65 -16.80
CA SER B 57 7.39 -21.83 -16.21
C SER B 57 8.31 -22.53 -17.21
N PRO B 58 9.45 -23.02 -16.76
CA PRO B 58 10.28 -23.90 -17.61
C PRO B 58 9.70 -25.31 -17.61
N GLY B 59 10.39 -26.20 -18.34
CA GLY B 59 9.96 -27.58 -18.47
C GLY B 59 10.69 -28.53 -17.54
N TYR B 60 10.37 -29.81 -17.73
CA TYR B 60 10.94 -30.89 -16.95
C TYR B 60 12.47 -30.89 -16.99
N THR B 61 13.10 -30.97 -15.81
CA THR B 61 14.54 -30.89 -15.56
C THR B 61 15.13 -29.50 -15.73
N GLY B 62 14.34 -28.51 -16.15
CA GLY B 62 14.86 -27.21 -16.49
C GLY B 62 14.64 -26.16 -15.41
N THR B 63 15.31 -25.02 -15.59
CA THR B 63 15.26 -23.91 -14.67
C THR B 63 14.96 -22.64 -15.46
N GLU B 64 14.79 -21.54 -14.72
CA GLU B 64 14.51 -20.24 -15.34
C GLU B 64 15.51 -19.88 -16.44
N ALA B 65 16.72 -20.44 -16.40
CA ALA B 65 17.75 -20.04 -17.36
C ALA B 65 17.36 -20.44 -18.78
N SER B 66 16.53 -21.47 -18.92
CA SER B 66 16.11 -21.95 -20.22
C SER B 66 15.01 -21.10 -20.84
N ILE B 67 14.44 -20.13 -20.11
CA ILE B 67 13.36 -19.29 -20.64
C ILE B 67 13.67 -17.82 -20.40
N ALA B 68 14.89 -17.52 -19.95
CA ALA B 68 15.25 -16.16 -19.53
C ALA B 68 15.10 -15.19 -20.69
N TRP B 69 15.60 -15.56 -21.87
CA TRP B 69 15.51 -14.68 -23.03
C TRP B 69 14.07 -14.21 -23.25
N LEU B 70 13.11 -15.09 -22.98
CA LEU B 70 11.70 -14.77 -23.20
C LEU B 70 11.19 -13.79 -22.14
N GLY B 71 11.56 -13.98 -20.87
CA GLY B 71 11.21 -13.00 -19.85
C GLY B 71 11.73 -11.61 -20.17
N GLU B 72 13.03 -11.52 -20.45
CA GLU B 72 13.61 -10.25 -20.87
C GLU B 72 12.89 -9.67 -22.09
N ARG B 73 12.71 -10.49 -23.14
CA ARG B 73 12.16 -9.98 -24.39
C ARG B 73 10.73 -9.45 -24.21
N ILE B 74 9.88 -10.22 -23.56
CA ILE B 74 8.50 -9.78 -23.33
C ILE B 74 8.46 -8.53 -22.44
N ALA B 75 9.26 -8.51 -21.37
CA ALA B 75 9.28 -7.34 -20.49
C ALA B 75 9.66 -6.08 -21.25
N SER B 76 10.63 -6.18 -22.19
CA SER B 76 11.03 -5.02 -22.98
C SER B 76 9.95 -4.54 -23.92
N HIS B 77 8.81 -5.22 -24.00
CA HIS B 77 7.67 -4.73 -24.75
C HIS B 77 6.55 -4.26 -23.83
N GLY B 78 6.87 -3.98 -22.56
CA GLY B 78 5.89 -3.39 -21.65
C GLY B 78 5.06 -4.37 -20.87
N PHE B 79 5.73 -5.32 -20.22
CA PHE B 79 5.08 -6.27 -19.34
C PHE B 79 5.99 -6.52 -18.16
N VAL B 80 5.41 -6.97 -17.05
CA VAL B 80 6.14 -7.42 -15.88
C VAL B 80 6.11 -8.94 -15.91
N VAL B 81 7.28 -9.58 -15.91
CA VAL B 81 7.40 -11.00 -16.27
C VAL B 81 8.29 -11.71 -15.25
N ILE B 82 7.80 -12.81 -14.69
CA ILE B 82 8.63 -13.66 -13.82
C ILE B 82 8.93 -14.97 -14.54
N THR B 83 10.22 -15.28 -14.69
CA THR B 83 10.66 -16.62 -15.05
C THR B 83 10.95 -17.37 -13.76
N ILE B 84 10.21 -18.45 -13.49
CA ILE B 84 10.31 -19.13 -12.20
C ILE B 84 11.21 -20.35 -12.31
N ASP B 85 11.77 -20.73 -11.18
CA ASP B 85 12.22 -22.08 -10.94
C ASP B 85 11.14 -22.81 -10.18
N THR B 86 11.05 -24.10 -10.40
CA THR B 86 10.05 -24.89 -9.70
C THR B 86 10.66 -25.47 -8.44
N ILE B 87 9.78 -25.97 -7.56
CA ILE B 87 10.25 -26.48 -6.28
C ILE B 87 11.28 -27.59 -6.48
N THR B 88 11.05 -28.46 -7.46
CA THR B 88 12.08 -29.39 -7.94
C THR B 88 12.01 -29.44 -9.46
N THR B 89 13.13 -29.87 -10.07
CA THR B 89 13.16 -29.95 -11.52
C THR B 89 12.19 -31.00 -12.05
N LEU B 90 11.72 -31.92 -11.23
CA LEU B 90 10.92 -33.03 -11.68
C LEU B 90 9.43 -32.82 -11.44
N ASP B 91 9.01 -31.64 -11.01
CA ASP B 91 7.59 -31.40 -10.75
C ASP B 91 6.77 -31.60 -12.02
N GLN B 92 5.58 -32.19 -11.86
CA GLN B 92 4.70 -32.52 -12.99
C GLN B 92 3.86 -31.31 -13.39
N PRO B 93 3.23 -31.35 -14.56
CA PRO B 93 2.59 -30.12 -15.09
C PRO B 93 1.59 -29.49 -14.13
N ASP B 94 0.72 -30.30 -13.53
CA ASP B 94 -0.31 -29.74 -12.67
C ASP B 94 0.28 -29.20 -11.37
N SER B 95 1.46 -29.69 -10.97
CA SER B 95 2.20 -29.00 -9.91
C SER B 95 2.75 -27.68 -10.43
N ARG B 96 3.20 -27.65 -11.69
CA ARG B 96 3.70 -26.41 -12.27
C ARG B 96 2.60 -25.35 -12.35
N ALA B 97 1.36 -25.78 -12.62
CA ALA B 97 0.21 -24.88 -12.55
C ALA B 97 0.12 -24.17 -11.19
N GLU B 98 0.16 -24.93 -10.08
CA GLU B 98 0.13 -24.33 -8.74
C GLU B 98 1.25 -23.31 -8.57
N GLN B 99 2.45 -23.63 -9.05
CA GLN B 99 3.59 -22.77 -8.80
C GLN B 99 3.52 -21.50 -9.64
N LEU B 100 3.04 -21.60 -10.88
CA LEU B 100 2.78 -20.41 -11.69
C LEU B 100 1.79 -19.49 -11.00
N ASN B 101 0.71 -20.06 -10.46
CA ASN B 101 -0.25 -19.27 -9.70
C ASN B 101 0.42 -18.60 -8.51
N ALA B 102 1.27 -19.34 -7.77
CA ALA B 102 1.96 -18.74 -6.64
C ALA B 102 2.91 -17.64 -7.09
N ALA B 103 3.48 -17.77 -8.29
CA ALA B 103 4.34 -16.72 -8.84
C ALA B 103 3.55 -15.47 -9.19
N LEU B 104 2.33 -15.62 -9.71
CA LEU B 104 1.49 -14.45 -9.95
C LEU B 104 1.25 -13.72 -8.63
N ASN B 105 0.88 -14.47 -7.59
CA ASN B 105 0.60 -13.84 -6.31
C ASN B 105 1.85 -13.20 -5.70
N HIS B 106 3.02 -13.84 -5.85
CA HIS B 106 4.25 -13.22 -5.35
C HIS B 106 4.45 -11.84 -5.97
N MET B 107 4.38 -11.74 -7.30
CA MET B 107 4.53 -10.47 -8.00
C MET B 107 3.54 -9.43 -7.50
N ILE B 108 2.28 -9.82 -7.32
CA ILE B 108 1.25 -8.83 -6.98
C ILE B 108 1.39 -8.41 -5.52
N ASN B 109 1.67 -9.35 -4.62
CA ASN B 109 1.51 -9.13 -3.19
C ASN B 109 2.81 -9.12 -2.40
N ARG B 110 3.89 -9.71 -2.90
CA ARG B 110 5.05 -9.93 -2.07
C ARG B 110 6.36 -9.41 -2.65
N ALA B 111 6.39 -9.03 -3.92
CA ALA B 111 7.59 -8.40 -4.47
C ALA B 111 7.75 -7.00 -3.86
N SER B 112 8.85 -6.34 -4.22
CA SER B 112 9.10 -5.01 -3.74
C SER B 112 8.07 -4.03 -4.28
N SER B 113 8.06 -2.84 -3.70
CA SER B 113 7.10 -1.83 -4.13
C SER B 113 7.36 -1.42 -5.57
N THR B 114 8.64 -1.35 -5.95
CA THR B 114 8.99 -1.09 -7.33
C THR B 114 8.23 -2.00 -8.28
N VAL B 115 8.22 -3.29 -7.98
CA VAL B 115 7.55 -4.26 -8.84
C VAL B 115 6.04 -4.19 -8.68
N ARG B 116 5.56 -4.13 -7.43
CA ARG B 116 4.11 -4.17 -7.21
C ARG B 116 3.43 -2.99 -7.87
N SER B 117 4.05 -1.81 -7.79
CA SER B 117 3.43 -0.63 -8.35
C SER B 117 3.48 -0.61 -9.87
N ARG B 118 4.20 -1.53 -10.50
CA ARG B 118 4.20 -1.59 -11.95
C ARG B 118 3.23 -2.61 -12.51
N ILE B 119 2.46 -3.29 -11.65
CA ILE B 119 1.59 -4.37 -12.07
C ILE B 119 0.14 -3.92 -11.97
N ASP B 120 -0.60 -4.03 -13.07
CA ASP B 120 -2.06 -3.96 -13.07
C ASP B 120 -2.57 -5.36 -12.76
N SER B 121 -2.95 -5.58 -11.50
CA SER B 121 -3.20 -6.93 -11.01
C SER B 121 -4.47 -7.54 -11.60
N SER B 122 -5.27 -6.76 -12.31
CA SER B 122 -6.42 -7.31 -13.01
C SER B 122 -6.08 -7.83 -14.41
N ARG B 123 -4.82 -7.78 -14.82
CA ARG B 123 -4.44 -8.13 -16.21
C ARG B 123 -3.23 -9.07 -16.18
N LEU B 124 -3.52 -10.37 -16.13
CA LEU B 124 -2.51 -11.41 -15.90
C LEU B 124 -2.51 -12.41 -17.05
N ALA B 125 -1.36 -13.07 -17.23
CA ALA B 125 -1.17 -14.06 -18.28
C ALA B 125 -0.23 -15.15 -17.78
N VAL B 126 -0.20 -16.27 -18.49
CA VAL B 126 0.57 -17.43 -18.08
C VAL B 126 1.18 -18.07 -19.32
N MET B 127 2.41 -18.55 -19.19
CA MET B 127 3.14 -19.15 -20.30
C MET B 127 4.01 -20.24 -19.73
N GLY B 128 4.48 -21.13 -20.58
CA GLY B 128 5.35 -22.17 -20.09
C GLY B 128 5.86 -23.03 -21.23
N HIS B 129 6.99 -23.66 -20.97
CA HIS B 129 7.65 -24.49 -21.96
C HIS B 129 7.46 -25.95 -21.59
N ALA B 130 6.94 -26.73 -22.53
CA ALA B 130 6.76 -28.18 -22.38
C ALA B 130 5.91 -28.44 -21.13
N MET B 131 6.39 -29.15 -20.12
CA MET B 131 5.59 -29.38 -18.92
C MET B 131 5.06 -28.08 -18.33
N GLY B 132 5.82 -26.99 -18.45
CA GLY B 132 5.32 -25.69 -18.05
C GLY B 132 4.20 -25.20 -18.93
N GLY B 133 4.22 -25.56 -20.23
CA GLY B 133 3.10 -25.23 -21.09
C GLY B 133 1.86 -26.03 -20.70
N GLY B 134 2.05 -27.28 -20.30
CA GLY B 134 0.97 -28.03 -19.67
C GLY B 134 0.46 -27.34 -18.43
N GLY B 135 1.37 -26.89 -17.56
CA GLY B 135 0.96 -26.12 -16.38
C GLY B 135 0.21 -24.86 -16.76
N SER B 136 0.58 -24.24 -17.90
CA SER B 136 -0.16 -23.09 -18.42
C SER B 136 -1.60 -23.44 -18.73
N LEU B 137 -1.82 -24.59 -19.37
CA LEU B 137 -3.18 -24.97 -19.75
C LEU B 137 -4.03 -25.26 -18.52
N ARG B 138 -3.46 -25.97 -17.54
CA ARG B 138 -4.15 -26.26 -16.29
C ARG B 138 -4.49 -24.98 -15.52
N LEU B 139 -3.55 -24.05 -15.44
CA LEU B 139 -3.87 -22.81 -14.72
C LEU B 139 -4.93 -22.00 -15.46
N ALA B 140 -4.84 -21.92 -16.78
CA ALA B 140 -5.87 -21.23 -17.57
C ALA B 140 -7.22 -21.87 -17.35
N SER B 141 -7.26 -23.19 -17.31
CA SER B 141 -8.47 -23.93 -16.95
C SER B 141 -8.99 -23.53 -15.57
N GLN B 142 -8.10 -23.38 -14.59
CA GLN B 142 -8.54 -23.11 -13.22
C GLN B 142 -8.84 -21.63 -12.97
N ARG B 143 -8.35 -20.72 -13.81
CA ARG B 143 -8.53 -19.28 -13.60
C ARG B 143 -9.04 -18.65 -14.89
N PRO B 144 -10.34 -18.73 -15.16
CA PRO B 144 -10.91 -18.03 -16.31
C PRO B 144 -10.65 -16.54 -16.29
N ASP B 145 -10.25 -15.97 -15.15
CA ASP B 145 -10.00 -14.54 -15.07
C ASP B 145 -8.69 -14.15 -15.74
N LEU B 146 -7.79 -15.09 -15.98
CA LEU B 146 -6.56 -14.75 -16.70
C LEU B 146 -6.88 -14.18 -18.07
N LYS B 147 -6.03 -13.25 -18.52
CA LYS B 147 -6.27 -12.58 -19.80
C LYS B 147 -5.70 -13.33 -21.00
N ALA B 148 -4.68 -14.18 -20.81
CA ALA B 148 -4.06 -14.86 -21.94
C ALA B 148 -3.28 -16.05 -21.42
N ALA B 149 -3.08 -17.04 -22.28
CA ALA B 149 -2.24 -18.17 -21.95
C ALA B 149 -1.49 -18.59 -23.19
N ILE B 150 -0.20 -18.86 -23.05
CA ILE B 150 0.62 -19.23 -24.20
C ILE B 150 1.46 -20.47 -23.91
N PRO B 151 0.92 -21.67 -24.08
CA PRO B 151 1.75 -22.88 -23.94
C PRO B 151 2.71 -23.03 -25.11
N LEU B 152 4.00 -23.14 -24.81
CA LEU B 152 5.04 -23.32 -25.82
C LEU B 152 5.48 -24.77 -25.84
N THR B 153 5.49 -25.37 -27.03
CA THR B 153 5.66 -26.81 -27.25
C THR B 153 5.17 -27.59 -26.03
N PRO B 154 3.88 -27.49 -25.70
CA PRO B 154 3.41 -27.98 -24.40
C PRO B 154 3.36 -29.48 -24.32
N TRP B 155 3.47 -29.97 -23.09
CA TRP B 155 3.41 -31.39 -22.76
C TRP B 155 2.41 -31.60 -21.64
N HIS B 156 1.51 -32.57 -21.81
CA HIS B 156 0.54 -32.87 -20.77
C HIS B 156 -0.17 -34.18 -21.12
N LEU B 157 -0.35 -35.04 -20.11
CA LEU B 157 -1.06 -36.31 -20.31
C LEU B 157 -2.55 -36.09 -20.56
N ASN B 158 -3.13 -35.05 -19.98
CA ASN B 158 -4.53 -34.75 -20.22
C ASN B 158 -4.65 -34.02 -21.55
N LYS B 159 -5.47 -34.54 -22.44
CA LYS B 159 -5.61 -33.93 -23.75
C LYS B 159 -6.86 -33.08 -23.88
N ASN B 160 -7.70 -33.03 -22.85
CA ASN B 160 -9.00 -32.37 -22.93
C ASN B 160 -8.94 -31.03 -22.21
N TRP B 161 -8.85 -29.95 -22.97
CA TRP B 161 -8.84 -28.61 -22.40
C TRP B 161 -10.11 -27.84 -22.73
N SER B 162 -11.25 -28.54 -22.84
CA SER B 162 -12.51 -27.89 -23.19
C SER B 162 -13.04 -26.99 -22.07
N SER B 163 -12.47 -27.07 -20.88
CA SER B 163 -12.83 -26.17 -19.80
C SER B 163 -12.18 -24.80 -19.92
N VAL B 164 -11.16 -24.65 -20.76
CA VAL B 164 -10.42 -23.39 -20.87
C VAL B 164 -11.23 -22.39 -21.67
N THR B 165 -11.38 -21.18 -21.12
CA THR B 165 -11.94 -20.10 -21.92
C THR B 165 -11.02 -18.88 -21.96
N VAL B 166 -9.80 -18.99 -21.44
CA VAL B 166 -8.80 -17.92 -21.58
C VAL B 166 -8.31 -17.86 -23.01
N PRO B 167 -8.16 -16.65 -23.64
CA PRO B 167 -7.49 -16.56 -24.95
C PRO B 167 -6.15 -17.29 -25.01
N THR B 168 -6.05 -18.36 -25.80
CA THR B 168 -4.91 -19.26 -25.71
C THR B 168 -4.24 -19.42 -27.07
N LEU B 169 -2.95 -19.11 -27.13
CA LEU B 169 -2.10 -19.37 -28.29
C LEU B 169 -1.16 -20.52 -27.94
N ILE B 170 -1.32 -21.64 -28.63
CA ILE B 170 -0.43 -22.78 -28.49
C ILE B 170 0.60 -22.72 -29.59
N ILE B 171 1.86 -22.90 -29.23
CA ILE B 171 2.94 -22.93 -30.20
C ILE B 171 3.52 -24.32 -30.21
N GLY B 172 3.45 -24.99 -31.37
CA GLY B 172 4.02 -26.31 -31.54
C GLY B 172 5.29 -26.26 -32.37
N ALA B 173 6.08 -27.34 -32.31
CA ALA B 173 7.30 -27.48 -33.10
C ALA B 173 7.21 -28.75 -33.94
N ASP B 174 7.40 -28.61 -35.25
CA ASP B 174 7.18 -29.75 -36.15
C ASP B 174 8.08 -30.92 -35.81
N LEU B 175 9.34 -30.67 -35.46
CA LEU B 175 10.25 -31.76 -35.11
C LEU B 175 10.32 -32.04 -33.61
N ASP B 176 9.37 -31.54 -32.81
CA ASP B 176 9.34 -31.84 -31.38
C ASP B 176 9.11 -33.34 -31.18
N THR B 177 10.11 -34.06 -30.67
CA THR B 177 10.00 -35.49 -30.40
C THR B 177 9.62 -35.78 -28.96
N ILE B 178 9.54 -34.77 -28.11
CA ILE B 178 9.26 -34.92 -26.69
C ILE B 178 7.78 -34.72 -26.41
N ALA B 179 7.20 -33.65 -26.97
CA ALA B 179 5.75 -33.46 -27.00
C ALA B 179 5.30 -33.33 -28.46
N PRO B 180 5.33 -34.44 -29.20
CA PRO B 180 4.94 -34.38 -30.62
C PRO B 180 3.60 -33.68 -30.79
N VAL B 181 3.52 -32.81 -31.79
CA VAL B 181 2.33 -31.99 -32.00
C VAL B 181 1.09 -32.86 -32.21
N ALA B 182 1.27 -34.05 -32.80
CA ALA B 182 0.15 -34.93 -33.09
C ALA B 182 -0.52 -35.44 -31.82
N THR B 183 0.22 -35.57 -30.71
CA THR B 183 -0.35 -36.11 -29.48
C THR B 183 -0.39 -35.12 -28.33
N HIS B 184 0.14 -33.91 -28.49
CA HIS B 184 0.01 -32.91 -27.43
C HIS B 184 -0.58 -31.63 -27.98
N ALA B 185 0.24 -30.80 -28.64
CA ALA B 185 -0.17 -29.45 -29.03
C ALA B 185 -1.48 -29.43 -29.82
N LYS B 186 -1.58 -30.25 -30.86
CA LYS B 186 -2.79 -30.22 -31.69
C LYS B 186 -4.01 -30.71 -30.92
N PRO B 187 -3.98 -31.84 -30.21
CA PRO B 187 -5.15 -32.20 -29.40
C PRO B 187 -5.51 -31.14 -28.38
N PHE B 188 -4.51 -30.48 -27.78
CA PHE B 188 -4.81 -29.38 -26.88
C PHE B 188 -5.62 -28.32 -27.61
N TYR B 189 -5.12 -27.88 -28.77
CA TYR B 189 -5.84 -26.85 -29.53
C TYR B 189 -7.23 -27.32 -29.92
N ASN B 190 -7.37 -28.56 -30.35
CA ASN B 190 -8.66 -29.01 -30.89
C ASN B 190 -9.68 -29.23 -29.80
N SER B 191 -9.25 -29.52 -28.58
CA SER B 191 -10.19 -29.70 -27.48
C SER B 191 -10.60 -28.37 -26.84
N LEU B 192 -9.82 -27.30 -27.01
CA LEU B 192 -10.28 -25.99 -26.61
C LEU B 192 -11.57 -25.67 -27.36
N PRO B 193 -12.52 -24.96 -26.75
CA PRO B 193 -13.80 -24.71 -27.42
C PRO B 193 -13.61 -23.87 -28.67
N SER B 194 -14.44 -24.15 -29.68
CA SER B 194 -14.42 -23.33 -30.88
C SER B 194 -14.92 -21.91 -30.63
N SER B 195 -15.56 -21.66 -29.49
CA SER B 195 -16.19 -20.37 -29.20
C SER B 195 -15.26 -19.34 -28.57
N ILE B 196 -14.04 -19.72 -28.21
CA ILE B 196 -13.11 -18.81 -27.53
C ILE B 196 -12.13 -18.23 -28.55
N SER B 197 -11.36 -17.22 -28.11
CA SER B 197 -10.20 -16.76 -28.87
C SER B 197 -9.04 -17.72 -28.65
N LYS B 198 -8.58 -18.36 -29.73
CA LYS B 198 -7.45 -19.27 -29.65
C LYS B 198 -6.72 -19.24 -30.97
N ALA B 199 -5.48 -19.73 -30.95
CA ALA B 199 -4.71 -19.90 -32.17
C ALA B 199 -3.70 -21.02 -31.97
N TYR B 200 -3.42 -21.73 -33.06
CA TYR B 200 -2.37 -22.74 -33.09
C TYR B 200 -1.32 -22.32 -34.12
N LEU B 201 -0.09 -22.15 -33.66
CA LEU B 201 1.03 -21.77 -34.51
C LEU B 201 2.07 -22.88 -34.39
N GLU B 202 2.36 -23.55 -35.49
CA GLU B 202 3.36 -24.61 -35.48
C GLU B 202 4.60 -24.11 -36.18
N LEU B 203 5.72 -24.19 -35.49
CA LEU B 203 6.99 -23.74 -36.04
C LEU B 203 7.53 -24.75 -37.03
N ASP B 204 8.18 -24.22 -38.06
CA ASP B 204 8.79 -25.03 -39.08
C ASP B 204 10.25 -25.26 -38.71
N GLY B 205 10.71 -26.51 -38.84
CA GLY B 205 12.08 -26.88 -38.51
C GLY B 205 12.48 -26.50 -37.12
N ALA B 206 11.70 -26.93 -36.13
CA ALA B 206 11.93 -26.58 -34.74
C ALA B 206 11.83 -27.83 -33.88
N THR B 207 12.79 -28.02 -32.99
CA THR B 207 12.75 -29.15 -32.08
C THR B 207 12.08 -28.75 -30.77
N HIS B 208 12.09 -29.67 -29.80
CA HIS B 208 11.58 -29.39 -28.46
C HIS B 208 12.32 -28.23 -27.78
N PHE B 209 13.53 -27.92 -28.21
CA PHE B 209 14.33 -26.87 -27.58
C PHE B 209 14.07 -25.49 -28.16
N ALA B 210 13.25 -25.36 -29.20
CA ALA B 210 13.11 -24.07 -29.86
C ALA B 210 12.69 -22.94 -28.93
N PRO B 211 11.74 -23.10 -28.00
CA PRO B 211 11.42 -21.99 -27.09
C PRO B 211 12.56 -21.60 -26.16
N ASN B 212 13.63 -22.40 -26.05
CA ASN B 212 14.79 -22.05 -25.24
C ASN B 212 15.85 -21.28 -26.00
N ILE B 213 15.62 -20.99 -27.28
CA ILE B 213 16.60 -20.33 -28.14
C ILE B 213 15.95 -19.05 -28.64
N PRO B 214 16.61 -17.88 -28.51
CA PRO B 214 16.01 -16.63 -29.00
C PRO B 214 15.44 -16.80 -30.39
N ASN B 215 14.13 -16.62 -30.53
CA ASN B 215 13.40 -17.04 -31.71
C ASN B 215 12.49 -15.89 -32.09
N LYS B 216 12.68 -15.34 -33.30
CA LYS B 216 11.93 -14.14 -33.67
C LYS B 216 10.46 -14.43 -33.90
N ILE B 217 10.12 -15.65 -34.31
CA ILE B 217 8.71 -15.99 -34.52
C ILE B 217 8.00 -16.17 -33.19
N ILE B 218 8.62 -16.92 -32.28
CA ILE B 218 8.08 -17.04 -30.93
C ILE B 218 7.99 -15.67 -30.28
N GLY B 219 9.04 -14.86 -30.41
CA GLY B 219 9.02 -13.54 -29.80
C GLY B 219 7.91 -12.67 -30.37
N LYS B 220 7.80 -12.64 -31.70
CA LYS B 220 6.80 -11.80 -32.35
C LYS B 220 5.38 -12.16 -31.90
N TYR B 221 4.99 -13.43 -32.03
CA TYR B 221 3.57 -13.74 -31.85
C TYR B 221 3.19 -13.88 -30.38
N SER B 222 4.13 -14.30 -29.53
CA SER B 222 3.90 -14.22 -28.09
C SER B 222 3.56 -12.80 -27.66
N VAL B 223 4.43 -11.84 -28.00
CA VAL B 223 4.17 -10.45 -27.67
C VAL B 223 2.87 -9.98 -28.31
N ALA B 224 2.64 -10.34 -29.58
CA ALA B 224 1.41 -9.91 -30.23
C ALA B 224 0.18 -10.44 -29.48
N TRP B 225 0.20 -11.73 -29.12
CA TRP B 225 -0.90 -12.31 -28.35
C TRP B 225 -1.09 -11.59 -27.02
N LEU B 226 0.01 -11.33 -26.30
CA LEU B 226 -0.11 -10.66 -25.00
C LEU B 226 -0.62 -9.23 -25.17
N LYS B 227 -0.10 -8.52 -26.18
CA LYS B 227 -0.57 -7.17 -26.46
C LYS B 227 -2.06 -7.16 -26.75
N ARG B 228 -2.51 -8.09 -27.59
CA ARG B 228 -3.92 -8.08 -28.00
C ARG B 228 -4.86 -8.41 -26.84
N PHE B 229 -4.46 -9.32 -25.96
CA PHE B 229 -5.40 -9.80 -24.97
C PHE B 229 -5.11 -9.35 -23.53
N VAL B 230 -3.85 -9.11 -23.17
CA VAL B 230 -3.59 -8.54 -21.85
C VAL B 230 -3.83 -7.03 -21.86
N ASP B 231 -3.44 -6.34 -22.94
CA ASP B 231 -3.59 -4.90 -23.06
C ASP B 231 -4.82 -4.48 -23.87
N ASN B 232 -5.60 -5.42 -24.42
CA ASN B 232 -6.68 -5.09 -25.36
C ASN B 232 -6.18 -4.22 -26.51
N ASP B 233 -4.94 -4.46 -26.94
CA ASP B 233 -4.28 -3.60 -27.94
C ASP B 233 -4.62 -4.10 -29.33
N THR B 234 -5.67 -3.51 -29.92
CA THR B 234 -6.09 -3.86 -31.26
C THR B 234 -5.08 -3.44 -32.33
N ARG B 235 -4.04 -2.68 -31.98
CA ARG B 235 -2.96 -2.43 -32.93
C ARG B 235 -2.25 -3.72 -33.32
N TYR B 236 -2.39 -4.77 -32.52
CA TYR B 236 -1.70 -6.03 -32.76
C TYR B 236 -2.57 -7.06 -33.46
N THR B 237 -3.86 -6.77 -33.66
CA THR B 237 -4.73 -7.69 -34.38
C THR B 237 -4.20 -7.99 -35.78
N GLN B 238 -3.50 -7.04 -36.40
CA GLN B 238 -2.98 -7.25 -37.75
C GLN B 238 -2.04 -8.45 -37.84
N PHE B 239 -1.36 -8.80 -36.73
CA PHE B 239 -0.39 -9.90 -36.77
C PHE B 239 -1.02 -11.27 -36.52
N LEU B 240 -2.19 -11.30 -35.89
CA LEU B 240 -2.88 -12.54 -35.57
C LEU B 240 -3.97 -12.91 -36.58
N CYS B 241 -4.52 -11.94 -37.29
CA CYS B 241 -5.60 -12.20 -38.24
C CYS B 241 -5.28 -11.53 -39.57
N PRO B 242 -5.11 -12.30 -40.66
CA PRO B 242 -5.24 -13.76 -40.77
C PRO B 242 -4.13 -14.55 -40.08
N GLY B 243 -3.06 -13.86 -39.67
CA GLY B 243 -1.94 -14.51 -39.02
C GLY B 243 -0.84 -14.89 -40.00
N PRO B 244 0.28 -15.42 -39.47
CA PRO B 244 1.39 -15.81 -40.34
C PRO B 244 0.94 -16.84 -41.37
N ARG B 245 1.56 -16.78 -42.55
CA ARG B 245 1.17 -17.68 -43.63
C ARG B 245 1.81 -19.05 -43.45
N ASP B 246 1.04 -20.10 -43.69
CA ASP B 246 1.63 -21.44 -43.67
C ASP B 246 1.73 -22.04 -45.07
N GLY B 247 1.42 -21.26 -46.10
CA GLY B 247 1.46 -21.75 -47.48
C GLY B 247 2.79 -21.53 -48.19
N LEU B 248 2.72 -21.37 -49.51
CA LEU B 248 3.92 -21.19 -50.30
C LEU B 248 4.68 -19.93 -49.86
N PHE B 249 5.97 -20.08 -49.61
CA PHE B 249 6.85 -19.02 -49.13
C PHE B 249 6.45 -18.53 -47.73
N GLY B 250 5.64 -19.29 -46.99
CA GLY B 250 5.11 -18.83 -45.71
C GLY B 250 6.15 -18.82 -44.60
N GLU B 251 5.77 -18.26 -43.46
CA GLU B 251 6.74 -18.17 -42.38
C GLU B 251 6.57 -19.29 -41.36
N VAL B 252 5.51 -20.07 -41.47
CA VAL B 252 5.14 -20.97 -40.40
C VAL B 252 4.67 -22.29 -40.99
N GLU B 253 4.83 -23.37 -40.21
CA GLU B 253 4.41 -24.68 -40.68
C GLU B 253 2.89 -24.78 -40.75
N GLU B 254 2.20 -24.21 -39.76
CA GLU B 254 0.75 -24.22 -39.72
C GLU B 254 0.30 -23.08 -38.83
N TYR B 255 -0.78 -22.42 -39.22
CA TYR B 255 -1.45 -21.47 -38.34
C TYR B 255 -2.95 -21.63 -38.52
N ARG B 256 -3.65 -21.85 -37.42
CA ARG B 256 -5.10 -21.89 -37.33
C ARG B 256 -5.54 -20.91 -36.25
N SER B 257 -6.74 -20.34 -36.41
CA SER B 257 -7.19 -19.40 -35.39
C SER B 257 -8.71 -19.29 -35.44
N THR B 258 -9.25 -18.66 -34.40
CA THR B 258 -10.66 -18.25 -34.39
C THR B 258 -10.82 -16.77 -34.69
N CYS B 259 -9.88 -16.20 -35.44
CA CYS B 259 -10.11 -14.90 -36.06
C CYS B 259 -11.45 -14.89 -36.77
N PRO B 260 -12.19 -13.77 -36.75
CA PRO B 260 -11.89 -12.55 -35.98
C PRO B 260 -12.17 -12.75 -34.49
N PHE B 261 -11.39 -12.11 -33.63
CA PHE B 261 -11.64 -12.22 -32.19
C PHE B 261 -12.61 -11.12 -31.74
N MET C 1 22.90 20.69 -11.50
CA MET C 1 24.15 21.44 -11.47
C MET C 1 25.24 20.80 -10.59
N ASN C 2 24.84 20.06 -9.54
CA ASN C 2 25.78 19.24 -8.80
C ASN C 2 25.67 17.82 -9.35
N PRO C 3 26.68 17.30 -10.04
CA PRO C 3 26.50 16.03 -10.77
C PRO C 3 26.36 14.81 -9.88
N TYR C 4 26.62 14.92 -8.58
CA TYR C 4 26.52 13.76 -7.72
C TYR C 4 25.12 13.60 -7.12
N GLU C 5 24.24 14.57 -7.32
CA GLU C 5 22.89 14.51 -6.77
C GLU C 5 22.15 13.29 -7.32
N ARG C 6 21.45 12.59 -6.43
CA ARG C 6 20.56 11.50 -6.82
C ARG C 6 19.25 11.60 -6.04
N GLY C 7 18.20 11.03 -6.62
CA GLY C 7 16.92 10.96 -5.96
C GLY C 7 16.20 12.29 -5.87
N PRO C 8 14.93 12.24 -5.49
CA PRO C 8 14.13 13.46 -5.44
C PRO C 8 14.39 14.26 -4.17
N ASN C 9 13.79 15.45 -4.13
CA ASN C 9 14.00 16.35 -3.00
C ASN C 9 13.54 15.69 -1.71
N PRO C 10 14.30 15.84 -0.63
CA PRO C 10 14.00 15.10 0.60
C PRO C 10 13.06 15.84 1.55
N THR C 11 12.34 15.05 2.35
CA THR C 11 11.52 15.53 3.45
C THR C 11 11.77 14.62 4.65
N ASP C 12 11.26 15.05 5.81
CA ASP C 12 11.37 14.21 7.01
C ASP C 12 10.71 12.86 6.78
N ALA C 13 9.53 12.83 6.15
CA ALA C 13 8.84 11.58 5.91
C ALA C 13 9.65 10.65 5.02
N LEU C 14 10.23 11.18 3.94
CA LEU C 14 10.97 10.31 3.04
C LEU C 14 12.25 9.80 3.68
N LEU C 15 12.85 10.58 4.58
CA LEU C 15 14.03 10.10 5.27
C LEU C 15 13.69 9.11 6.38
N GLU C 16 12.49 9.21 6.94
CA GLU C 16 12.11 8.33 8.04
C GLU C 16 11.46 7.03 7.58
N ALA C 17 10.98 6.98 6.33
CA ALA C 17 10.36 5.78 5.80
C ALA C 17 11.34 4.63 5.76
N ARG C 18 10.79 3.42 5.73
CA ARG C 18 11.61 2.22 5.81
C ARG C 18 12.52 2.08 4.60
N SER C 19 12.12 2.64 3.47
CA SER C 19 12.89 2.52 2.25
C SER C 19 12.98 3.87 1.56
N GLY C 20 14.14 4.13 0.95
CA GLY C 20 14.28 5.28 0.07
C GLY C 20 13.68 4.96 -1.28
N PRO C 21 13.91 5.83 -2.27
CA PRO C 21 13.25 5.66 -3.57
C PRO C 21 13.92 4.74 -4.56
N PHE C 22 15.12 4.23 -4.30
CA PHE C 22 15.83 3.40 -5.26
C PHE C 22 15.58 1.92 -5.00
N SER C 23 15.19 1.20 -6.04
CA SER C 23 15.12 -0.26 -5.96
C SER C 23 16.52 -0.81 -5.72
N VAL C 24 16.60 -1.90 -4.96
CA VAL C 24 17.87 -2.40 -4.44
C VAL C 24 18.00 -3.88 -4.76
N SER C 25 19.19 -4.28 -5.21
CA SER C 25 19.56 -5.67 -5.39
C SER C 25 20.82 -5.95 -4.58
N GLU C 26 21.16 -7.25 -4.47
CA GLU C 26 22.23 -7.67 -3.58
C GLU C 26 23.23 -8.54 -4.31
N GLU C 27 24.47 -8.51 -3.84
CA GLU C 27 25.50 -9.40 -4.35
C GLU C 27 26.28 -9.93 -3.15
N ASN C 28 26.34 -11.25 -3.03
CA ASN C 28 27.07 -11.87 -1.94
C ASN C 28 28.56 -11.77 -2.20
N VAL C 29 29.33 -11.56 -1.13
CA VAL C 29 30.78 -11.68 -1.17
C VAL C 29 31.14 -12.83 -0.24
N SER C 30 31.62 -13.92 -0.81
CA SER C 30 31.97 -15.06 0.02
C SER C 30 33.25 -14.78 0.79
N ARG C 31 33.41 -15.50 1.90
CA ARG C 31 34.65 -15.41 2.67
C ARG C 31 35.86 -15.72 1.78
N LEU C 32 35.78 -16.81 1.02
CA LEU C 32 36.85 -17.19 0.11
C LEU C 32 37.23 -16.05 -0.84
N SER C 33 36.24 -15.44 -1.48
CA SER C 33 36.56 -14.39 -2.44
C SER C 33 37.02 -13.11 -1.75
N ALA C 34 36.74 -12.95 -0.47
CA ALA C 34 37.08 -11.71 0.21
C ALA C 34 38.52 -11.78 0.67
N SER C 35 39.30 -10.75 0.33
CA SER C 35 40.67 -10.61 0.80
C SER C 35 40.73 -9.49 1.82
N GLY C 36 41.17 -9.82 3.04
CA GLY C 36 41.32 -8.83 4.10
C GLY C 36 40.07 -8.55 4.92
N PHE C 37 38.98 -9.27 4.67
CA PHE C 37 37.81 -9.22 5.56
C PHE C 37 37.10 -10.55 5.45
N GLY C 38 35.97 -10.67 6.14
CA GLY C 38 35.31 -11.96 6.22
C GLY C 38 34.22 -12.21 5.21
N GLY C 39 34.04 -11.35 4.23
CA GLY C 39 32.90 -11.44 3.33
C GLY C 39 31.81 -10.48 3.75
N GLY C 40 30.64 -10.64 3.13
CA GLY C 40 29.51 -9.79 3.43
C GLY C 40 28.55 -9.72 2.26
N THR C 41 27.75 -8.64 2.26
CA THR C 41 26.67 -8.46 1.29
C THR C 41 26.75 -7.05 0.73
N ILE C 42 26.82 -6.92 -0.59
CA ILE C 42 26.78 -5.63 -1.27
C ILE C 42 25.33 -5.34 -1.62
N TYR C 43 24.84 -4.16 -1.23
CA TYR C 43 23.54 -3.63 -1.65
C TYR C 43 23.79 -2.49 -2.61
N TYR C 44 23.10 -2.49 -3.75
CA TYR C 44 23.32 -1.47 -4.76
C TYR C 44 22.00 -1.11 -5.44
N PRO C 45 21.88 0.12 -5.94
CA PRO C 45 20.66 0.51 -6.66
C PRO C 45 20.62 -0.13 -8.04
N ARG C 46 19.43 -0.61 -8.43
CA ARG C 46 19.26 -1.21 -9.74
C ARG C 46 19.42 -0.18 -10.86
N GLU C 47 18.93 1.03 -10.63
CA GLU C 47 19.05 2.10 -11.62
C GLU C 47 20.52 2.40 -11.89
N ASN C 48 20.91 2.30 -13.16
CA ASN C 48 22.31 2.44 -13.53
C ASN C 48 22.74 3.90 -13.49
N ASN C 49 23.87 4.16 -12.83
CA ASN C 49 24.45 5.47 -12.57
C ASN C 49 25.64 5.19 -11.68
N THR C 50 26.42 6.20 -11.30
CA THR C 50 27.46 5.98 -10.32
C THR C 50 27.02 6.62 -9.00
N TYR C 51 27.37 5.96 -7.90
CA TYR C 51 27.00 6.38 -6.55
C TYR C 51 28.22 6.28 -5.66
N GLY C 52 28.19 7.04 -4.57
CA GLY C 52 29.17 6.82 -3.52
C GLY C 52 29.03 5.42 -2.92
N ALA C 53 30.14 4.91 -2.40
CA ALA C 53 30.20 3.57 -1.83
C ALA C 53 30.47 3.64 -0.34
N VAL C 54 29.80 2.78 0.43
CA VAL C 54 29.82 2.82 1.89
C VAL C 54 30.11 1.43 2.41
N ALA C 55 31.03 1.31 3.37
CA ALA C 55 31.36 0.06 4.02
C ALA C 55 30.94 0.14 5.48
N ILE C 56 30.31 -0.94 5.98
CA ILE C 56 29.77 -0.96 7.34
C ILE C 56 30.29 -2.18 8.08
N SER C 57 30.88 -1.95 9.26
CA SER C 57 31.38 -3.00 10.14
C SER C 57 30.44 -3.25 11.31
N PRO C 58 30.14 -4.52 11.62
CA PRO C 58 29.40 -4.83 12.84
C PRO C 58 30.31 -4.74 14.06
N GLY C 59 29.76 -5.06 15.23
CA GLY C 59 30.49 -5.01 16.47
C GLY C 59 31.11 -6.35 16.88
N TYR C 60 31.75 -6.30 18.06
CA TYR C 60 32.36 -7.45 18.71
C TYR C 60 31.41 -8.63 18.81
N THR C 61 31.88 -9.82 18.40
CA THR C 61 31.13 -11.08 18.31
C THR C 61 30.05 -11.06 17.24
N GLY C 62 29.90 -9.96 16.49
CA GLY C 62 28.78 -9.78 15.60
C GLY C 62 29.10 -10.11 14.14
N THR C 63 28.04 -10.17 13.34
CA THR C 63 28.08 -10.47 11.92
C THR C 63 27.19 -9.48 11.19
N GLU C 64 27.25 -9.57 9.85
CA GLU C 64 26.49 -8.65 9.01
C GLU C 64 25.01 -8.67 9.32
N ALA C 65 24.49 -9.80 9.82
CA ALA C 65 23.06 -9.90 10.08
C ALA C 65 22.61 -8.84 11.10
N SER C 66 23.49 -8.40 11.98
CA SER C 66 23.11 -7.39 12.97
C SER C 66 23.08 -5.97 12.39
N ILE C 67 23.39 -5.78 11.11
CA ILE C 67 23.42 -4.46 10.50
C ILE C 67 22.82 -4.52 9.09
N ALA C 68 22.27 -5.68 8.72
CA ALA C 68 21.71 -5.87 7.39
C ALA C 68 20.71 -4.77 7.03
N TRP C 69 19.82 -4.42 7.95
CA TRP C 69 18.78 -3.44 7.62
C TRP C 69 19.40 -2.11 7.22
N LEU C 70 20.56 -1.79 7.76
CA LEU C 70 21.25 -0.55 7.43
C LEU C 70 21.73 -0.55 5.99
N GLY C 71 22.30 -1.67 5.55
CA GLY C 71 22.77 -1.76 4.18
C GLY C 71 21.65 -1.50 3.19
N GLU C 72 20.57 -2.27 3.31
CA GLU C 72 19.41 -2.09 2.42
C GLU C 72 18.83 -0.68 2.54
N ARG C 73 18.71 -0.16 3.76
CA ARG C 73 18.08 1.15 3.95
C ARG C 73 18.89 2.24 3.26
N ILE C 74 20.21 2.22 3.44
CA ILE C 74 21.04 3.29 2.87
C ILE C 74 21.19 3.11 1.36
N ALA C 75 21.34 1.87 0.89
CA ALA C 75 21.43 1.66 -0.56
C ALA C 75 20.17 2.15 -1.28
N SER C 76 19.00 1.99 -0.65
CA SER C 76 17.75 2.48 -1.20
C SER C 76 17.67 4.00 -1.28
N HIS C 77 18.67 4.74 -0.79
CA HIS C 77 18.73 6.18 -0.99
C HIS C 77 19.81 6.60 -1.97
N GLY C 78 20.37 5.68 -2.73
CA GLY C 78 21.36 6.06 -3.72
C GLY C 78 22.81 5.88 -3.29
N PHE C 79 23.14 4.68 -2.79
CA PHE C 79 24.51 4.36 -2.43
C PHE C 79 24.76 2.87 -2.67
N VAL C 80 26.02 2.54 -2.93
CA VAL C 80 26.47 1.15 -2.91
C VAL C 80 27.05 0.85 -1.54
N VAL C 81 26.48 -0.14 -0.85
CA VAL C 81 26.76 -0.39 0.55
C VAL C 81 27.16 -1.85 0.74
N ILE C 82 28.23 -2.10 1.47
CA ILE C 82 28.57 -3.45 1.86
C ILE C 82 28.52 -3.53 3.39
N THR C 83 27.78 -4.52 3.88
CA THR C 83 27.81 -4.92 5.29
C THR C 83 28.77 -6.10 5.39
N ILE C 84 29.82 -5.96 6.17
CA ILE C 84 30.88 -6.95 6.14
C ILE C 84 30.74 -7.91 7.30
N ASP C 85 31.33 -9.08 7.13
CA ASP C 85 31.73 -9.92 8.24
C ASP C 85 33.23 -9.71 8.44
N THR C 86 33.68 -9.83 9.68
CA THR C 86 35.09 -9.70 9.97
C THR C 86 35.79 -11.06 9.88
N ILE C 87 37.11 -11.01 9.76
CA ILE C 87 37.92 -12.22 9.67
C ILE C 87 37.61 -13.15 10.84
N THR C 88 37.58 -12.61 12.06
CA THR C 88 37.05 -13.33 13.21
C THR C 88 36.11 -12.41 13.99
N THR C 89 35.18 -13.01 14.75
CA THR C 89 34.22 -12.19 15.46
C THR C 89 34.86 -11.38 16.58
N LEU C 90 36.10 -11.69 16.94
CA LEU C 90 36.77 -11.10 18.07
C LEU C 90 37.75 -10.00 17.67
N ASP C 91 37.85 -9.69 16.38
CA ASP C 91 38.78 -8.65 15.94
C ASP C 91 38.50 -7.33 16.64
N GLN C 92 39.57 -6.61 17.00
CA GLN C 92 39.50 -5.36 17.73
C GLN C 92 39.25 -4.20 16.77
N PRO C 93 38.97 -2.98 17.29
CA PRO C 93 38.62 -1.86 16.38
C PRO C 93 39.62 -1.58 15.26
N ASP C 94 40.92 -1.53 15.57
CA ASP C 94 41.89 -1.13 14.56
C ASP C 94 41.98 -2.17 13.44
N SER C 95 41.77 -3.43 13.77
CA SER C 95 41.71 -4.46 12.74
C SER C 95 40.46 -4.30 11.88
N ARG C 96 39.33 -3.90 12.48
CA ARG C 96 38.12 -3.65 11.71
C ARG C 96 38.30 -2.45 10.77
N ALA C 97 39.13 -1.49 11.15
CA ALA C 97 39.47 -0.40 10.24
C ALA C 97 40.08 -0.94 8.95
N GLU C 98 41.05 -1.85 9.08
CA GLU C 98 41.67 -2.41 7.88
C GLU C 98 40.66 -3.21 7.08
N GLN C 99 39.75 -3.91 7.76
CA GLN C 99 38.79 -4.74 7.03
C GLN C 99 37.76 -3.88 6.33
N LEU C 100 37.31 -2.79 6.96
CA LEU C 100 36.52 -1.79 6.25
C LEU C 100 37.25 -1.30 5.01
N ASN C 101 38.56 -1.03 5.12
CA ASN C 101 39.31 -0.58 3.96
C ASN C 101 39.37 -1.66 2.89
N ALA C 102 39.59 -2.91 3.30
CA ALA C 102 39.62 -4.01 2.33
C ALA C 102 38.26 -4.17 1.65
N ALA C 103 37.17 -3.96 2.38
CA ALA C 103 35.84 -4.09 1.80
C ALA C 103 35.57 -2.98 0.79
N LEU C 104 35.99 -1.76 1.11
CA LEU C 104 35.88 -0.69 0.13
C LEU C 104 36.62 -1.09 -1.15
N ASN C 105 37.85 -1.57 -0.99
CA ASN C 105 38.64 -1.95 -2.15
C ASN C 105 37.99 -3.11 -2.91
N HIS C 106 37.38 -4.06 -2.19
CA HIS C 106 36.71 -5.17 -2.87
C HIS C 106 35.58 -4.67 -3.75
N MET C 107 34.72 -3.80 -3.21
CA MET C 107 33.60 -3.28 -4.01
C MET C 107 34.09 -2.63 -5.29
N ILE C 108 35.17 -1.84 -5.20
CA ILE C 108 35.62 -1.08 -6.36
C ILE C 108 36.25 -2.00 -7.41
N ASN C 109 37.05 -2.97 -6.98
CA ASN C 109 37.90 -3.71 -7.88
C ASN C 109 37.49 -5.16 -8.09
N ARG C 110 36.73 -5.73 -7.16
CA ARG C 110 36.56 -7.18 -7.06
C ARG C 110 35.17 -7.71 -7.32
N ALA C 111 34.18 -6.87 -7.14
CA ALA C 111 32.80 -7.27 -7.31
C ALA C 111 32.48 -7.39 -8.79
N SER C 112 31.26 -7.79 -9.07
CA SER C 112 30.82 -7.91 -10.43
C SER C 112 30.87 -6.58 -11.15
N SER C 113 30.83 -6.65 -12.48
CA SER C 113 30.76 -5.46 -13.31
C SER C 113 29.51 -4.66 -12.99
N THR C 114 28.43 -5.33 -12.59
CA THR C 114 27.22 -4.63 -12.17
C THR C 114 27.51 -3.73 -10.96
N VAL C 115 28.28 -4.22 -9.99
CA VAL C 115 28.57 -3.41 -8.81
C VAL C 115 29.62 -2.35 -9.14
N ARG C 116 30.72 -2.76 -9.80
CA ARG C 116 31.82 -1.82 -10.03
C ARG C 116 31.38 -0.66 -10.92
N SER C 117 30.61 -0.95 -11.96
CA SER C 117 30.11 0.12 -12.81
C SER C 117 29.25 1.12 -12.03
N ARG C 118 28.72 0.72 -10.87
CA ARG C 118 27.80 1.56 -10.12
C ARG C 118 28.47 2.40 -9.04
N ILE C 119 29.79 2.33 -8.93
CA ILE C 119 30.52 2.98 -7.84
C ILE C 119 31.33 4.14 -8.42
N ASP C 120 31.19 5.30 -7.81
CA ASP C 120 32.14 6.38 -8.03
C ASP C 120 33.24 6.14 -7.01
N SER C 121 34.36 5.57 -7.45
CA SER C 121 35.35 5.16 -6.47
C SER C 121 36.04 6.32 -5.80
N SER C 122 35.70 7.56 -6.15
CA SER C 122 36.31 8.71 -5.50
C SER C 122 35.50 9.25 -4.33
N ARG C 123 34.29 8.76 -4.11
CA ARG C 123 33.41 9.21 -3.02
C ARG C 123 33.10 8.02 -2.12
N LEU C 124 33.88 7.85 -1.06
CA LEU C 124 33.80 6.71 -0.16
C LEU C 124 33.36 7.16 1.23
N ALA C 125 32.74 6.23 1.97
CA ALA C 125 32.37 6.51 3.35
C ALA C 125 32.43 5.21 4.13
N VAL C 126 32.46 5.37 5.46
CA VAL C 126 32.72 4.27 6.38
C VAL C 126 31.81 4.41 7.60
N MET C 127 31.20 3.32 8.03
CA MET C 127 30.28 3.31 9.16
C MET C 127 30.52 2.05 9.95
N GLY C 128 30.11 2.06 11.21
CA GLY C 128 30.23 0.85 12.02
C GLY C 128 29.44 0.90 13.29
N HIS C 129 29.09 -0.29 13.78
CA HIS C 129 28.42 -0.44 15.06
C HIS C 129 29.46 -0.79 16.13
N ALA C 130 29.57 0.06 17.14
CA ALA C 130 30.32 -0.26 18.36
C ALA C 130 31.82 -0.41 18.06
N MET C 131 32.39 -1.59 18.27
CA MET C 131 33.77 -1.79 17.81
C MET C 131 33.92 -1.46 16.33
N GLY C 132 32.90 -1.77 15.52
CA GLY C 132 32.95 -1.33 14.13
C GLY C 132 32.88 0.17 14.00
N GLY C 133 32.19 0.84 14.94
CA GLY C 133 32.24 2.29 14.99
C GLY C 133 33.62 2.79 15.33
N GLY C 134 34.30 2.12 16.27
CA GLY C 134 35.69 2.43 16.53
C GLY C 134 36.55 2.21 15.30
N GLY C 135 36.25 1.17 14.52
CA GLY C 135 36.99 0.94 13.29
C GLY C 135 36.80 2.06 12.28
N SER C 136 35.59 2.63 12.24
CA SER C 136 35.32 3.76 11.36
C SER C 136 36.19 4.95 11.71
N LEU C 137 36.26 5.29 13.00
CA LEU C 137 37.09 6.41 13.43
C LEU C 137 38.55 6.17 13.06
N ARG C 138 39.04 4.96 13.33
CA ARG C 138 40.44 4.66 13.01
C ARG C 138 40.72 4.84 11.52
N LEU C 139 39.89 4.24 10.65
CA LEU C 139 40.11 4.40 9.22
C LEU C 139 40.00 5.86 8.80
N ALA C 140 38.99 6.56 9.33
CA ALA C 140 38.86 7.98 9.05
C ALA C 140 40.13 8.73 9.43
N SER C 141 40.69 8.40 10.60
CA SER C 141 41.96 8.99 11.00
C SER C 141 43.05 8.71 9.95
N GLN C 142 43.07 7.51 9.38
CA GLN C 142 44.14 7.16 8.44
C GLN C 142 43.89 7.66 7.03
N ARG C 143 42.62 7.88 6.64
CA ARG C 143 42.26 8.20 5.26
C ARG C 143 41.45 9.48 5.20
N PRO C 144 42.10 10.64 5.35
CA PRO C 144 41.35 11.91 5.29
C PRO C 144 40.64 12.14 3.95
N ASP C 145 40.89 11.31 2.95
CA ASP C 145 40.15 11.44 1.69
C ASP C 145 38.74 10.84 1.75
N LEU C 146 38.44 10.01 2.75
CA LEU C 146 37.08 9.54 2.93
C LEU C 146 36.14 10.73 3.04
N LYS C 147 34.96 10.61 2.44
CA LYS C 147 34.02 11.72 2.47
C LYS C 147 33.24 11.78 3.78
N ALA C 148 32.96 10.65 4.41
CA ALA C 148 32.10 10.67 5.60
C ALA C 148 32.40 9.44 6.44
N ALA C 149 32.23 9.60 7.75
CA ALA C 149 32.39 8.53 8.73
C ALA C 149 31.24 8.63 9.71
N ILE C 150 30.58 7.50 9.96
CA ILE C 150 29.46 7.52 10.90
C ILE C 150 29.63 6.39 11.90
N PRO C 151 30.34 6.61 13.00
CA PRO C 151 30.41 5.59 14.07
C PRO C 151 29.09 5.54 14.83
N LEU C 152 28.50 4.35 14.89
CA LEU C 152 27.25 4.12 15.61
C LEU C 152 27.55 3.44 16.94
N THR C 153 27.04 4.04 18.04
CA THR C 153 27.32 3.67 19.44
C THR C 153 28.75 3.15 19.59
N PRO C 154 29.76 3.95 19.20
CA PRO C 154 31.09 3.40 18.93
C PRO C 154 31.80 2.98 20.21
N TRP C 155 32.79 2.10 20.03
CA TRP C 155 33.63 1.63 21.12
C TRP C 155 35.09 1.71 20.67
N HIS C 156 35.95 2.31 21.49
CA HIS C 156 37.37 2.31 21.19
C HIS C 156 38.15 2.64 22.47
N LEU C 157 39.29 1.99 22.65
CA LEU C 157 40.12 2.33 23.80
C LEU C 157 40.81 3.67 23.61
N ASN C 158 41.10 4.05 22.37
CA ASN C 158 41.66 5.37 22.10
C ASN C 158 40.56 6.41 22.12
N LYS C 159 40.73 7.44 22.94
CA LYS C 159 39.71 8.48 23.05
C LYS C 159 40.08 9.75 22.29
N ASN C 160 41.32 9.88 21.84
CA ASN C 160 41.80 11.10 21.20
C ASN C 160 41.71 10.93 19.68
N TRP C 161 40.69 11.54 19.07
CA TRP C 161 40.50 11.49 17.63
C TRP C 161 40.74 12.86 17.00
N SER C 162 41.74 13.59 17.50
CA SER C 162 42.06 14.93 17.01
C SER C 162 42.72 14.92 15.64
N SER C 163 43.10 13.74 15.13
CA SER C 163 43.69 13.62 13.81
C SER C 163 42.65 13.49 12.70
N VAL C 164 41.37 13.30 13.03
CA VAL C 164 40.34 13.08 12.03
C VAL C 164 39.94 14.40 11.40
N THR C 165 39.91 14.45 10.06
CA THR C 165 39.35 15.60 9.35
C THR C 165 38.20 15.20 8.44
N VAL C 166 37.85 13.92 8.41
CA VAL C 166 36.69 13.44 7.66
C VAL C 166 35.41 13.93 8.33
N PRO C 167 34.41 14.42 7.58
CA PRO C 167 33.12 14.78 8.19
C PRO C 167 32.51 13.59 8.93
N THR C 168 32.36 13.73 10.25
CA THR C 168 32.05 12.60 11.12
C THR C 168 30.79 12.90 11.91
N LEU C 169 29.79 12.02 11.78
CA LEU C 169 28.59 12.04 12.61
C LEU C 169 28.66 10.87 13.56
N ILE C 170 28.69 11.17 14.87
CA ILE C 170 28.69 10.14 15.90
C ILE C 170 27.29 10.04 16.48
N ILE C 171 26.78 8.82 16.56
CA ILE C 171 25.45 8.55 17.12
C ILE C 171 25.66 7.73 18.38
N GLY C 172 25.34 8.31 19.53
CA GLY C 172 25.41 7.61 20.80
C GLY C 172 24.03 7.19 21.25
N ALA C 173 24.01 6.29 22.24
CA ALA C 173 22.78 5.83 22.88
C ALA C 173 22.86 6.17 24.36
N ASP C 174 21.92 6.99 24.85
CA ASP C 174 22.05 7.55 26.20
C ASP C 174 22.22 6.46 27.25
N LEU C 175 21.49 5.35 27.13
CA LEU C 175 21.54 4.26 28.11
C LEU C 175 22.42 3.09 27.65
N ASP C 176 23.41 3.36 26.82
CA ASP C 176 24.38 2.34 26.41
C ASP C 176 25.25 1.94 27.61
N THR C 177 25.23 0.66 27.96
CA THR C 177 26.05 0.15 29.05
C THR C 177 27.34 -0.52 28.57
N ILE C 178 27.45 -0.80 27.27
CA ILE C 178 28.63 -1.50 26.75
C ILE C 178 29.70 -0.53 26.29
N ALA C 179 29.30 0.53 25.58
CA ALA C 179 30.18 1.65 25.24
C ALA C 179 29.51 2.92 25.74
N PRO C 180 29.51 3.15 27.06
CA PRO C 180 28.81 4.31 27.60
C PRO C 180 29.27 5.60 26.93
N VAL C 181 28.29 6.48 26.66
CA VAL C 181 28.58 7.72 25.96
C VAL C 181 29.54 8.58 26.76
N ALA C 182 29.52 8.48 28.09
CA ALA C 182 30.42 9.29 28.90
C ALA C 182 31.87 8.96 28.61
N THR C 183 32.17 7.72 28.28
CA THR C 183 33.55 7.30 28.12
C THR C 183 33.90 6.89 26.70
N HIS C 184 32.94 6.90 25.77
CA HIS C 184 33.25 6.56 24.38
C HIS C 184 32.74 7.66 23.47
N ALA C 185 31.44 7.66 23.18
CA ALA C 185 30.89 8.55 22.16
C ALA C 185 31.26 10.02 22.41
N LYS C 186 31.09 10.50 23.65
CA LYS C 186 31.33 11.93 23.88
C LYS C 186 32.82 12.26 23.88
N PRO C 187 33.69 11.51 24.56
CA PRO C 187 35.13 11.80 24.40
C PRO C 187 35.57 11.78 22.93
N PHE C 188 35.03 10.88 22.11
CA PHE C 188 35.38 10.88 20.69
C PHE C 188 34.95 12.19 20.03
N TYR C 189 33.68 12.55 20.21
CA TYR C 189 33.21 13.78 19.56
C TYR C 189 34.01 14.98 20.03
N ASN C 190 34.30 15.06 21.34
CA ASN C 190 34.92 16.27 21.86
C ASN C 190 36.36 16.41 21.40
N SER C 191 37.07 15.29 21.23
CA SER C 191 38.44 15.28 20.75
C SER C 191 38.55 15.44 19.23
N LEU C 192 37.45 15.27 18.50
CA LEU C 192 37.46 15.63 17.09
C LEU C 192 37.74 17.12 16.98
N PRO C 193 38.52 17.55 15.98
CA PRO C 193 38.82 18.98 15.84
C PRO C 193 37.54 19.81 15.75
N SER C 194 37.61 21.00 16.33
CA SER C 194 36.51 21.94 16.20
C SER C 194 36.41 22.51 14.79
N SER C 195 37.47 22.38 13.97
CA SER C 195 37.50 22.98 12.64
C SER C 195 36.89 22.12 11.53
N ILE C 196 36.55 20.86 11.81
CA ILE C 196 36.00 19.97 10.79
C ILE C 196 34.48 19.99 10.82
N SER C 197 33.84 19.33 9.85
CA SER C 197 32.40 19.10 9.86
C SER C 197 32.11 17.89 10.72
N LYS C 198 31.41 18.08 11.83
CA LYS C 198 31.16 16.98 12.74
C LYS C 198 29.83 17.20 13.45
N ALA C 199 29.27 16.11 13.97
CA ALA C 199 28.00 16.16 14.66
C ALA C 199 27.92 15.02 15.64
N TYR C 200 27.24 15.27 16.75
CA TYR C 200 26.97 14.25 17.76
C TYR C 200 25.46 14.19 17.97
N LEU C 201 24.87 13.02 17.75
CA LEU C 201 23.44 12.82 17.97
C LEU C 201 23.26 11.69 18.97
N GLU C 202 22.67 12.00 20.12
CA GLU C 202 22.45 11.02 21.17
C GLU C 202 20.99 10.59 21.12
N LEU C 203 20.78 9.31 20.80
CA LEU C 203 19.47 8.71 20.82
C LEU C 203 18.90 8.75 22.24
N ASP C 204 17.60 9.07 22.33
CA ASP C 204 16.93 9.19 23.61
C ASP C 204 16.25 7.87 23.96
N GLY C 205 16.58 7.33 25.13
CA GLY C 205 16.03 6.06 25.60
C GLY C 205 16.47 4.88 24.77
N ALA C 206 17.77 4.78 24.50
CA ALA C 206 18.28 3.77 23.58
C ALA C 206 19.47 3.07 24.20
N THR C 207 19.64 1.80 23.85
CA THR C 207 20.73 1.01 24.35
C THR C 207 21.77 0.82 23.26
N HIS C 208 22.79 0.03 23.61
CA HIS C 208 23.83 -0.35 22.68
C HIS C 208 23.30 -1.15 21.49
N PHE C 209 22.10 -1.71 21.60
CA PHE C 209 21.53 -2.53 20.54
C PHE C 209 20.65 -1.74 19.59
N ALA C 210 20.38 -0.46 19.89
CA ALA C 210 19.57 0.35 18.99
C ALA C 210 20.01 0.29 17.54
N PRO C 211 21.31 0.35 17.20
CA PRO C 211 21.71 0.27 15.78
C PRO C 211 21.39 -1.05 15.11
N ASN C 212 21.09 -2.10 15.87
CA ASN C 212 20.78 -3.42 15.33
C ASN C 212 19.31 -3.60 15.05
N ILE C 213 18.51 -2.56 15.32
CA ILE C 213 17.07 -2.59 15.18
C ILE C 213 16.69 -1.47 14.23
N PRO C 214 15.90 -1.74 13.15
CA PRO C 214 15.43 -0.64 12.30
C PRO C 214 14.99 0.57 13.09
N ASN C 215 15.67 1.68 12.85
CA ASN C 215 15.55 2.88 13.66
C ASN C 215 15.36 4.05 12.72
N LYS C 216 14.19 4.70 12.80
CA LYS C 216 13.90 5.79 11.87
C LYS C 216 14.88 6.95 12.04
N ILE C 217 15.40 7.16 13.25
CA ILE C 217 16.28 8.29 13.52
C ILE C 217 17.68 8.02 12.99
N ILE C 218 18.20 6.82 13.29
CA ILE C 218 19.48 6.40 12.71
C ILE C 218 19.40 6.48 11.19
N GLY C 219 18.30 6.01 10.62
CA GLY C 219 18.18 6.02 9.17
C GLY C 219 18.18 7.42 8.60
N LYS C 220 17.42 8.31 9.23
CA LYS C 220 17.31 9.69 8.76
C LYS C 220 18.67 10.39 8.73
N TYR C 221 19.34 10.41 9.87
CA TYR C 221 20.54 11.24 9.97
C TYR C 221 21.74 10.58 9.32
N SER C 222 21.82 9.25 9.34
CA SER C 222 22.86 8.57 8.56
C SER C 222 22.72 8.87 7.08
N VAL C 223 21.50 8.76 6.53
CA VAL C 223 21.34 9.05 5.11
C VAL C 223 21.61 10.52 4.85
N ALA C 224 21.05 11.40 5.69
CA ALA C 224 21.28 12.83 5.50
C ALA C 224 22.77 13.15 5.53
N TRP C 225 23.51 12.55 6.47
CA TRP C 225 24.94 12.81 6.56
C TRP C 225 25.66 12.34 5.31
N LEU C 226 25.35 11.13 4.85
CA LEU C 226 25.98 10.60 3.65
C LEU C 226 25.63 11.44 2.42
N LYS C 227 24.34 11.75 2.23
CA LYS C 227 23.94 12.64 1.14
C LYS C 227 24.77 13.93 1.16
N ARG C 228 24.83 14.58 2.32
CA ARG C 228 25.43 15.90 2.39
C ARG C 228 26.92 15.86 2.04
N PHE C 229 27.63 14.81 2.47
CA PHE C 229 29.08 14.80 2.35
C PHE C 229 29.61 13.82 1.32
N VAL C 230 28.98 12.66 1.14
CA VAL C 230 29.39 11.76 0.07
C VAL C 230 28.97 12.32 -1.29
N ASP C 231 27.80 12.98 -1.35
CA ASP C 231 27.24 13.49 -2.59
C ASP C 231 27.37 15.01 -2.72
N ASN C 232 27.82 15.73 -1.69
CA ASN C 232 27.81 17.20 -1.66
C ASN C 232 26.40 17.76 -1.78
N ASP C 233 25.42 16.98 -1.37
CA ASP C 233 24.02 17.28 -1.64
C ASP C 233 23.52 18.26 -0.59
N THR C 234 23.51 19.55 -0.93
CA THR C 234 23.13 20.58 0.02
C THR C 234 21.62 20.61 0.28
N ARG C 235 20.84 19.81 -0.44
CA ARG C 235 19.43 19.63 -0.10
C ARG C 235 19.26 18.98 1.28
N TYR C 236 20.28 18.30 1.78
CA TYR C 236 20.19 17.64 3.07
C TYR C 236 20.75 18.47 4.23
N THR C 237 21.27 19.67 3.95
CA THR C 237 21.74 20.53 5.03
C THR C 237 20.61 20.88 6.00
N GLN C 238 19.39 21.06 5.48
CA GLN C 238 18.26 21.47 6.30
C GLN C 238 18.05 20.52 7.47
N PHE C 239 18.35 19.24 7.31
CA PHE C 239 18.15 18.28 8.39
C PHE C 239 19.31 18.26 9.38
N LEU C 240 20.50 18.73 8.98
CA LEU C 240 21.65 18.68 9.85
C LEU C 240 21.90 19.98 10.60
N CYS C 241 21.47 21.11 10.03
CA CYS C 241 21.79 22.43 10.55
C CYS C 241 20.53 23.27 10.63
N PRO C 242 20.13 23.71 11.83
CA PRO C 242 20.82 23.50 13.10
C PRO C 242 20.64 22.09 13.69
N GLY C 243 19.82 21.26 13.05
CA GLY C 243 19.58 19.92 13.52
C GLY C 243 18.48 19.87 14.57
N PRO C 244 18.25 18.70 15.16
CA PRO C 244 17.17 18.58 16.16
C PRO C 244 17.53 19.29 17.45
N ARG C 245 16.58 20.04 17.99
CA ARG C 245 16.77 20.65 19.30
C ARG C 245 16.79 19.57 20.38
N ASP C 246 17.63 19.79 21.38
CA ASP C 246 17.79 18.82 22.47
C ASP C 246 16.44 18.50 23.10
N GLY C 247 16.08 17.22 23.10
CA GLY C 247 14.79 16.75 23.59
C GLY C 247 13.73 16.52 22.53
N LEU C 248 14.04 16.75 21.25
CA LEU C 248 13.01 16.74 20.21
C LEU C 248 12.25 15.42 20.20
N PHE C 249 10.93 15.53 20.38
CA PHE C 249 9.97 14.43 20.39
C PHE C 249 10.26 13.36 21.43
N GLY C 250 11.21 13.60 22.33
CA GLY C 250 11.69 12.51 23.13
C GLY C 250 12.52 11.50 22.38
N GLU C 251 12.85 11.76 21.12
CA GLU C 251 13.61 10.83 20.31
C GLU C 251 15.09 11.17 20.26
N VAL C 252 15.44 12.44 20.41
CA VAL C 252 16.82 12.92 20.38
C VAL C 252 17.11 13.55 21.74
N GLU C 253 17.99 12.92 22.53
CA GLU C 253 18.34 13.46 23.84
C GLU C 253 19.22 14.69 23.72
N GLU C 254 20.08 14.75 22.71
CA GLU C 254 21.06 15.82 22.58
C GLU C 254 21.61 15.80 21.16
N TYR C 255 21.87 16.99 20.62
CA TYR C 255 22.47 17.14 19.29
C TYR C 255 23.45 18.30 19.31
N ARG C 256 24.70 18.04 18.90
CA ARG C 256 25.72 19.05 18.76
C ARG C 256 26.30 18.97 17.35
N SER C 257 26.73 20.11 16.82
CA SER C 257 27.30 20.13 15.47
C SER C 257 28.20 21.34 15.32
N THR C 258 29.03 21.33 14.27
CA THR C 258 29.82 22.49 13.89
C THR C 258 29.18 23.23 12.73
N CYS C 259 27.86 23.18 12.63
CA CYS C 259 27.15 23.98 11.63
C CYS C 259 27.55 25.45 11.79
N PRO C 260 27.67 26.21 10.69
CA PRO C 260 27.41 25.74 9.33
C PRO C 260 28.64 25.06 8.74
N PHE C 261 28.44 24.16 7.79
CA PHE C 261 29.53 23.33 7.29
C PHE C 261 30.17 23.99 6.06
N MET D 1 -26.07 -19.95 4.02
CA MET D 1 -27.03 -20.73 4.82
C MET D 1 -27.14 -20.23 6.29
N ASN D 2 -26.03 -19.84 6.92
CA ASN D 2 -26.09 -19.17 8.21
C ASN D 2 -26.26 -17.66 7.99
N PRO D 3 -27.38 -17.06 8.41
CA PRO D 3 -27.65 -15.66 8.04
C PRO D 3 -26.80 -14.65 8.77
N TYR D 4 -26.06 -15.05 9.79
CA TYR D 4 -25.29 -14.08 10.55
C TYR D 4 -23.87 -13.94 10.03
N GLU D 5 -23.46 -14.80 9.10
CA GLU D 5 -22.10 -14.73 8.55
C GLU D 5 -21.85 -13.37 7.90
N ARG D 6 -20.66 -12.84 8.12
CA ARG D 6 -20.22 -11.58 7.52
C ARG D 6 -18.76 -11.73 7.11
N GLY D 7 -18.36 -10.95 6.11
CA GLY D 7 -16.99 -10.92 5.67
C GLY D 7 -16.55 -12.18 4.94
N PRO D 8 -15.40 -12.11 4.29
CA PRO D 8 -14.91 -13.25 3.51
C PRO D 8 -14.27 -14.28 4.42
N ASN D 9 -13.91 -15.41 3.80
CA ASN D 9 -13.36 -16.53 4.56
C ASN D 9 -12.09 -16.09 5.28
N PRO D 10 -11.91 -16.48 6.53
CA PRO D 10 -10.76 -16.01 7.32
C PRO D 10 -9.50 -16.83 7.10
N THR D 11 -8.37 -16.15 7.30
CA THR D 11 -7.05 -16.77 7.38
C THR D 11 -6.30 -16.18 8.56
N ASP D 12 -5.15 -16.78 8.88
CA ASP D 12 -4.28 -16.22 9.92
C ASP D 12 -3.94 -14.77 9.62
N ALA D 13 -3.44 -14.49 8.40
CA ALA D 13 -3.03 -13.14 8.05
C ALA D 13 -4.17 -12.14 8.20
N LEU D 14 -5.37 -12.48 7.70
CA LEU D 14 -6.48 -11.53 7.79
C LEU D 14 -6.86 -11.24 9.23
N LEU D 15 -6.72 -12.23 10.11
CA LEU D 15 -7.06 -12.01 11.51
C LEU D 15 -5.97 -11.26 12.25
N GLU D 16 -4.73 -11.30 11.78
CA GLU D 16 -3.64 -10.61 12.46
C GLU D 16 -3.38 -9.20 11.93
N ALA D 17 -3.90 -8.87 10.74
CA ALA D 17 -3.74 -7.54 10.17
C ALA D 17 -4.40 -6.49 11.06
N ARG D 18 -3.90 -5.26 10.97
CA ARG D 18 -4.39 -4.20 11.85
C ARG D 18 -5.85 -3.89 11.59
N SER D 19 -6.38 -4.25 10.42
CA SER D 19 -7.76 -3.93 10.12
C SER D 19 -8.41 -5.09 9.38
N GLY D 20 -9.68 -5.33 9.70
CA GLY D 20 -10.47 -6.30 8.98
C GLY D 20 -11.01 -5.71 7.68
N PRO D 21 -11.92 -6.43 7.02
CA PRO D 21 -12.36 -6.00 5.69
C PRO D 21 -13.43 -4.91 5.66
N PHE D 22 -14.05 -4.55 6.78
CA PHE D 22 -15.16 -3.59 6.77
C PHE D 22 -14.66 -2.19 7.06
N SER D 23 -15.10 -1.23 6.25
CA SER D 23 -14.86 0.17 6.55
C SER D 23 -15.66 0.57 7.79
N VAL D 24 -15.09 1.46 8.61
CA VAL D 24 -15.63 1.78 9.92
C VAL D 24 -15.84 3.28 10.06
N SER D 25 -16.97 3.65 10.62
CA SER D 25 -17.23 5.03 11.03
C SER D 25 -17.47 5.05 12.53
N GLU D 26 -17.51 6.25 13.11
CA GLU D 26 -17.64 6.40 14.55
C GLU D 26 -18.79 7.32 14.89
N GLU D 27 -19.38 7.08 16.06
CA GLU D 27 -20.38 7.97 16.60
C GLU D 27 -20.07 8.19 18.07
N ASN D 28 -19.97 9.46 18.46
CA ASN D 28 -19.67 9.83 19.83
C ASN D 28 -20.91 9.67 20.70
N VAL D 29 -20.73 9.17 21.90
CA VAL D 29 -21.76 9.19 22.93
C VAL D 29 -21.25 10.11 24.03
N SER D 30 -21.90 11.25 24.21
CA SER D 30 -21.51 12.18 25.25
C SER D 30 -21.92 11.64 26.62
N ARG D 31 -21.21 12.10 27.65
CA ARG D 31 -21.59 11.74 29.00
C ARG D 31 -23.02 12.16 29.31
N LEU D 32 -23.41 13.36 28.84
CA LEU D 32 -24.77 13.85 29.05
C LEU D 32 -25.80 12.89 28.47
N SER D 33 -25.63 12.47 27.21
CA SER D 33 -26.62 11.57 26.61
C SER D 33 -26.55 10.17 27.19
N ALA D 34 -25.43 9.81 27.83
CA ALA D 34 -25.27 8.45 28.31
C ALA D 34 -25.99 8.28 29.65
N SER D 35 -26.85 7.28 29.73
CA SER D 35 -27.53 6.92 30.97
C SER D 35 -26.94 5.62 31.50
N GLY D 36 -26.37 5.68 32.71
CA GLY D 36 -25.80 4.51 33.36
C GLY D 36 -24.35 4.22 33.03
N PHE D 37 -23.67 5.09 32.30
CA PHE D 37 -22.24 4.96 32.07
C PHE D 37 -21.71 6.34 31.71
N GLY D 38 -20.41 6.40 31.46
CA GLY D 38 -19.76 7.69 31.25
C GLY D 38 -19.73 8.22 29.84
N GLY D 39 -20.35 7.54 28.87
CA GLY D 39 -20.20 7.89 27.47
C GLY D 39 -19.20 6.98 26.78
N GLY D 40 -18.75 7.41 25.61
CA GLY D 40 -17.78 6.63 24.86
C GLY D 40 -17.93 6.84 23.36
N THR D 41 -17.46 5.85 22.60
CA THR D 41 -17.38 5.90 21.15
C THR D 41 -17.94 4.61 20.56
N ILE D 42 -18.91 4.74 19.67
CA ILE D 42 -19.47 3.61 18.92
C ILE D 42 -18.73 3.53 17.60
N TYR D 43 -18.12 2.37 17.32
CA TYR D 43 -17.55 2.04 16.02
C TYR D 43 -18.51 1.08 15.33
N TYR D 44 -18.79 1.34 14.05
CA TYR D 44 -19.75 0.52 13.32
C TYR D 44 -19.32 0.37 11.87
N PRO D 45 -19.73 -0.71 11.21
CA PRO D 45 -19.41 -0.87 9.78
C PRO D 45 -20.25 0.06 8.92
N ARG D 46 -19.62 0.65 7.90
CA ARG D 46 -20.37 1.51 6.99
C ARG D 46 -21.37 0.70 6.17
N GLU D 47 -20.99 -0.49 5.73
CA GLU D 47 -21.88 -1.31 4.93
C GLU D 47 -23.13 -1.68 5.71
N ASN D 48 -24.29 -1.39 5.13
CA ASN D 48 -25.53 -1.60 5.84
C ASN D 48 -25.90 -3.07 5.87
N ASN D 49 -26.17 -3.57 7.08
CA ASN D 49 -26.49 -4.94 7.42
C ASN D 49 -26.74 -4.90 8.92
N THR D 50 -27.13 -6.02 9.49
CA THR D 50 -27.20 -6.09 10.93
C THR D 50 -26.02 -6.90 11.42
N TYR D 51 -25.41 -6.44 12.50
CA TYR D 51 -24.24 -7.08 13.10
C TYR D 51 -24.50 -7.26 14.58
N GLY D 52 -23.81 -8.23 15.18
CA GLY D 52 -23.73 -8.28 16.63
C GLY D 52 -23.11 -7.03 17.21
N ALA D 53 -23.42 -6.77 18.47
CA ALA D 53 -23.01 -5.56 19.16
C ALA D 53 -22.17 -5.90 20.39
N VAL D 54 -21.07 -5.18 20.56
CA VAL D 54 -20.09 -5.49 21.59
C VAL D 54 -19.83 -4.22 22.41
N ALA D 55 -19.79 -4.39 23.75
CA ALA D 55 -19.46 -3.31 24.67
C ALA D 55 -18.15 -3.64 25.38
N ILE D 56 -17.24 -2.66 25.40
CA ILE D 56 -15.92 -2.85 25.99
C ILE D 56 -15.70 -1.85 27.11
N SER D 57 -15.34 -2.35 28.29
CA SER D 57 -15.02 -1.48 29.40
C SER D 57 -13.52 -1.37 29.62
N PRO D 58 -13.01 -0.17 29.93
CA PRO D 58 -11.60 -0.04 30.32
C PRO D 58 -11.41 -0.46 31.78
N GLY D 59 -10.17 -0.30 32.27
CA GLY D 59 -9.83 -0.63 33.64
C GLY D 59 -9.86 0.56 34.59
N TYR D 60 -9.55 0.24 35.85
CA TYR D 60 -9.42 1.19 36.95
C TYR D 60 -8.54 2.39 36.56
N THR D 61 -9.05 3.59 36.82
CA THR D 61 -8.47 4.89 36.49
C THR D 61 -8.44 5.16 34.98
N GLY D 62 -8.87 4.20 34.15
CA GLY D 62 -8.71 4.30 32.71
C GLY D 62 -9.96 4.84 31.99
N THR D 63 -9.73 5.24 30.75
CA THR D 63 -10.75 5.77 29.86
C THR D 63 -10.73 4.99 28.55
N GLU D 64 -11.69 5.33 27.68
CA GLU D 64 -11.81 4.63 26.41
C GLU D 64 -10.54 4.71 25.58
N ALA D 65 -9.76 5.79 25.74
CA ALA D 65 -8.56 5.95 24.93
C ALA D 65 -7.61 4.76 25.09
N SER D 66 -7.61 4.10 26.25
CA SER D 66 -6.77 2.93 26.51
C SER D 66 -7.26 1.64 25.82
N ILE D 67 -8.42 1.66 25.16
CA ILE D 67 -8.96 0.47 24.50
C ILE D 67 -9.52 0.86 23.13
N ALA D 68 -9.24 2.09 22.70
CA ALA D 68 -9.79 2.59 21.44
C ALA D 68 -9.42 1.69 20.27
N TRP D 69 -8.16 1.25 20.20
CA TRP D 69 -7.73 0.42 19.06
C TRP D 69 -8.58 -0.83 18.93
N LEU D 70 -9.08 -1.34 20.07
CA LEU D 70 -9.89 -2.54 20.07
C LEU D 70 -11.24 -2.29 19.43
N GLY D 71 -11.88 -1.16 19.73
CA GLY D 71 -13.14 -0.84 19.09
C GLY D 71 -13.03 -0.80 17.58
N GLU D 72 -12.05 -0.05 17.08
CA GLU D 72 -11.83 0.04 15.64
C GLU D 72 -11.51 -1.33 15.03
N ARG D 73 -10.59 -2.08 15.66
CA ARG D 73 -10.15 -3.34 15.09
C ARG D 73 -11.30 -4.35 14.98
N ILE D 74 -12.07 -4.49 16.06
CA ILE D 74 -13.16 -5.47 16.06
C ILE D 74 -14.29 -5.01 15.16
N ALA D 75 -14.64 -3.72 15.17
CA ALA D 75 -15.72 -3.27 14.30
C ALA D 75 -15.37 -3.46 12.83
N SER D 76 -14.09 -3.37 12.48
CA SER D 76 -13.64 -3.61 11.11
C SER D 76 -13.83 -5.06 10.66
N HIS D 77 -14.23 -5.96 11.56
CA HIS D 77 -14.52 -7.33 11.19
C HIS D 77 -16.02 -7.65 11.19
N GLY D 78 -16.88 -6.64 11.20
CA GLY D 78 -18.31 -6.90 11.18
C GLY D 78 -18.98 -6.93 12.54
N PHE D 79 -18.78 -5.88 13.33
CA PHE D 79 -19.45 -5.74 14.62
C PHE D 79 -19.70 -4.26 14.89
N VAL D 80 -20.74 -3.98 15.67
CA VAL D 80 -20.95 -2.65 16.23
C VAL D 80 -20.40 -2.66 17.66
N VAL D 81 -19.40 -1.81 17.92
CA VAL D 81 -18.60 -1.84 19.13
C VAL D 81 -18.66 -0.48 19.82
N ILE D 82 -18.87 -0.48 21.13
CA ILE D 82 -18.74 0.74 21.92
C ILE D 82 -17.62 0.53 22.93
N THR D 83 -16.68 1.48 22.97
CA THR D 83 -15.70 1.59 24.03
C THR D 83 -16.25 2.63 25.01
N ILE D 84 -16.45 2.25 26.27
CA ILE D 84 -17.12 3.14 27.18
C ILE D 84 -16.11 3.88 28.04
N ASP D 85 -16.52 5.04 28.52
CA ASP D 85 -15.99 5.61 29.73
C ASP D 85 -16.94 5.24 30.87
N THR D 86 -16.38 5.07 32.05
CA THR D 86 -17.21 4.78 33.21
C THR D 86 -17.65 6.08 33.90
N ILE D 87 -18.66 5.96 34.75
CA ILE D 87 -19.18 7.12 35.48
C ILE D 87 -18.06 7.82 36.24
N THR D 88 -17.26 7.06 37.01
CA THR D 88 -16.01 7.57 37.55
C THR D 88 -14.89 6.60 37.21
N THR D 89 -13.67 7.11 37.18
CA THR D 89 -12.53 6.25 36.86
C THR D 89 -12.29 5.18 37.93
N LEU D 90 -12.85 5.36 39.13
CA LEU D 90 -12.62 4.50 40.27
C LEU D 90 -13.69 3.43 40.45
N ASP D 91 -14.65 3.31 39.54
CA ASP D 91 -15.72 2.32 39.68
C ASP D 91 -15.12 0.91 39.72
N GLN D 92 -15.69 0.07 40.59
CA GLN D 92 -15.23 -1.28 40.84
C GLN D 92 -15.82 -2.23 39.78
N PRO D 93 -15.36 -3.49 39.72
CA PRO D 93 -15.82 -4.39 38.64
C PRO D 93 -17.34 -4.54 38.56
N ASP D 94 -18.03 -4.73 39.69
CA ASP D 94 -19.46 -4.99 39.62
C ASP D 94 -20.21 -3.76 39.10
N SER D 95 -19.70 -2.57 39.37
CA SER D 95 -20.32 -1.38 38.81
C SER D 95 -20.09 -1.31 37.29
N ARG D 96 -18.91 -1.73 36.83
CA ARG D 96 -18.63 -1.74 35.40
C ARG D 96 -19.49 -2.75 34.67
N ALA D 97 -19.95 -3.80 35.37
CA ALA D 97 -20.91 -4.72 34.79
C ALA D 97 -22.18 -3.98 34.37
N GLU D 98 -22.77 -3.21 35.29
CA GLU D 98 -23.99 -2.49 34.94
C GLU D 98 -23.73 -1.47 33.85
N GLN D 99 -22.56 -0.83 33.87
CA GLN D 99 -22.29 0.19 32.87
C GLN D 99 -22.13 -0.43 31.49
N LEU D 100 -21.47 -1.58 31.41
CA LEU D 100 -21.48 -2.37 30.18
C LEU D 100 -22.90 -2.66 29.72
N ASN D 101 -23.78 -3.05 30.64
CA ASN D 101 -25.17 -3.31 30.30
C ASN D 101 -25.84 -2.04 29.79
N ALA D 102 -25.65 -0.93 30.47
CA ALA D 102 -26.26 0.32 30.03
C ALA D 102 -25.73 0.72 28.66
N ALA D 103 -24.43 0.49 28.40
CA ALA D 103 -23.89 0.81 27.08
C ALA D 103 -24.51 -0.05 26.00
N LEU D 104 -24.72 -1.34 26.30
CA LEU D 104 -25.39 -2.18 25.32
C LEU D 104 -26.77 -1.61 24.99
N ASN D 105 -27.50 -1.24 26.04
CA ASN D 105 -28.84 -0.71 25.83
C ASN D 105 -28.81 0.63 25.12
N HIS D 106 -27.80 1.47 25.41
CA HIS D 106 -27.67 2.72 24.68
C HIS D 106 -27.53 2.47 23.19
N MET D 107 -26.62 1.56 22.80
CA MET D 107 -26.40 1.28 21.39
C MET D 107 -27.69 0.84 20.70
N ILE D 108 -28.48 -0.01 21.37
CA ILE D 108 -29.67 -0.57 20.74
C ILE D 108 -30.77 0.47 20.63
N ASN D 109 -30.92 1.33 21.64
CA ASN D 109 -32.13 2.13 21.80
C ASN D 109 -31.93 3.64 21.68
N ARG D 110 -30.75 4.16 22.02
CA ARG D 110 -30.56 5.60 22.16
C ARG D 110 -29.61 6.22 21.15
N ALA D 111 -28.83 5.40 20.44
CA ALA D 111 -27.92 5.94 19.42
C ALA D 111 -28.70 6.33 18.16
N SER D 112 -27.99 6.84 17.17
CA SER D 112 -28.61 7.25 15.93
C SER D 112 -29.22 6.05 15.21
N SER D 113 -30.13 6.38 14.28
CA SER D 113 -30.74 5.35 13.44
C SER D 113 -29.70 4.68 12.56
N THR D 114 -28.66 5.40 12.16
CA THR D 114 -27.53 4.78 11.48
C THR D 114 -26.94 3.65 12.32
N VAL D 115 -26.74 3.91 13.61
CA VAL D 115 -26.19 2.87 14.48
C VAL D 115 -27.24 1.80 14.78
N ARG D 116 -28.45 2.23 15.19
CA ARG D 116 -29.45 1.28 15.67
C ARG D 116 -29.86 0.31 14.57
N SER D 117 -29.94 0.78 13.34
CA SER D 117 -30.30 -0.10 12.23
C SER D 117 -29.23 -1.15 11.96
N ARG D 118 -28.01 -0.96 12.48
CA ARG D 118 -26.90 -1.86 12.17
C ARG D 118 -26.71 -2.94 13.21
N ILE D 119 -27.54 -2.95 14.26
CA ILE D 119 -27.37 -3.84 15.40
C ILE D 119 -28.46 -4.90 15.35
N ASP D 120 -28.05 -6.16 15.43
CA ASP D 120 -28.99 -7.24 15.74
C ASP D 120 -29.02 -7.30 17.26
N SER D 121 -30.10 -6.81 17.85
CA SER D 121 -30.09 -6.65 19.29
C SER D 121 -30.18 -7.96 20.04
N SER D 122 -30.29 -9.10 19.34
CA SER D 122 -30.33 -10.41 19.99
C SER D 122 -28.95 -11.06 20.10
N ARG D 123 -27.92 -10.51 19.48
CA ARG D 123 -26.57 -11.07 19.51
C ARG D 123 -25.61 -10.05 20.13
N LEU D 124 -25.42 -10.16 21.44
CA LEU D 124 -24.63 -9.20 22.21
C LEU D 124 -23.42 -9.89 22.83
N ALA D 125 -22.39 -9.10 23.08
CA ALA D 125 -21.20 -9.62 23.73
C ALA D 125 -20.57 -8.50 24.55
N VAL D 126 -19.69 -8.90 25.46
CA VAL D 126 -19.14 -8.00 26.45
C VAL D 126 -17.64 -8.29 26.61
N MET D 127 -16.83 -7.24 26.70
CA MET D 127 -15.39 -7.39 26.85
C MET D 127 -14.91 -6.33 27.80
N GLY D 128 -13.70 -6.53 28.34
CA GLY D 128 -13.13 -5.52 29.19
C GLY D 128 -11.68 -5.73 29.59
N HIS D 129 -11.01 -4.63 29.86
CA HIS D 129 -9.63 -4.68 30.31
C HIS D 129 -9.60 -4.65 31.82
N ALA D 130 -9.04 -5.69 32.43
CA ALA D 130 -8.71 -5.67 33.85
C ALA D 130 -9.98 -5.59 34.70
N MET D 131 -10.15 -4.57 35.54
CA MET D 131 -11.45 -4.40 36.20
C MET D 131 -12.59 -4.41 35.19
N GLY D 132 -12.36 -3.86 33.99
CA GLY D 132 -13.35 -3.99 32.94
C GLY D 132 -13.56 -5.44 32.54
N GLY D 133 -12.48 -6.25 32.59
CA GLY D 133 -12.63 -7.68 32.38
C GLY D 133 -13.40 -8.34 33.51
N GLY D 134 -13.16 -7.90 34.75
CA GLY D 134 -14.00 -8.34 35.85
C GLY D 134 -15.45 -8.02 35.62
N GLY D 135 -15.74 -6.81 35.15
CA GLY D 135 -17.12 -6.45 34.87
C GLY D 135 -17.76 -7.34 33.81
N SER D 136 -16.96 -7.72 32.81
CA SER D 136 -17.44 -8.65 31.77
C SER D 136 -17.90 -9.97 32.38
N LEU D 137 -17.11 -10.52 33.29
CA LEU D 137 -17.49 -11.76 33.95
C LEU D 137 -18.76 -11.58 34.76
N ARG D 138 -18.83 -10.50 35.55
CA ARG D 138 -20.02 -10.24 36.37
C ARG D 138 -21.27 -10.15 35.50
N LEU D 139 -21.22 -9.40 34.39
CA LEU D 139 -22.40 -9.27 33.55
C LEU D 139 -22.73 -10.60 32.87
N ALA D 140 -21.70 -11.32 32.39
CA ALA D 140 -21.94 -12.65 31.84
C ALA D 140 -22.63 -13.54 32.85
N SER D 141 -22.21 -13.45 34.11
CA SER D 141 -22.86 -14.19 35.18
C SER D 141 -24.35 -13.84 35.24
N GLN D 142 -24.67 -12.56 35.14
CA GLN D 142 -26.05 -12.11 35.31
C GLN D 142 -26.90 -12.27 34.05
N ARG D 143 -26.28 -12.38 32.87
CA ARG D 143 -27.02 -12.38 31.60
C ARG D 143 -26.58 -13.55 30.73
N PRO D 144 -27.00 -14.78 31.08
CA PRO D 144 -26.61 -15.94 30.26
C PRO D 144 -27.06 -15.87 28.80
N ASP D 145 -27.87 -14.88 28.43
CA ASP D 145 -28.23 -14.71 27.02
C ASP D 145 -27.15 -14.02 26.19
N LEU D 146 -26.19 -13.35 26.82
CA LEU D 146 -25.06 -12.81 26.08
C LEU D 146 -24.39 -13.93 25.29
N LYS D 147 -24.06 -13.62 24.04
CA LYS D 147 -23.45 -14.62 23.18
C LYS D 147 -21.98 -14.89 23.51
N ALA D 148 -21.26 -13.91 24.05
CA ALA D 148 -19.83 -14.08 24.25
C ALA D 148 -19.32 -13.06 25.25
N ALA D 149 -18.29 -13.46 26.00
CA ALA D 149 -17.63 -12.58 26.95
C ALA D 149 -16.13 -12.77 26.82
N ILE D 150 -15.38 -11.68 26.83
CA ILE D 150 -13.93 -11.78 26.68
C ILE D 150 -13.21 -10.89 27.69
N PRO D 151 -12.97 -11.37 28.91
CA PRO D 151 -12.22 -10.57 29.88
C PRO D 151 -10.73 -10.55 29.52
N LEU D 152 -10.18 -9.36 29.34
CA LEU D 152 -8.77 -9.19 29.01
C LEU D 152 -8.00 -8.79 30.27
N THR D 153 -6.89 -9.51 30.54
CA THR D 153 -6.11 -9.46 31.78
C THR D 153 -7.01 -9.11 32.95
N PRO D 154 -8.04 -9.91 33.22
CA PRO D 154 -9.15 -9.46 34.09
C PRO D 154 -8.74 -9.36 35.55
N TRP D 155 -9.49 -8.53 36.29
CA TRP D 155 -9.28 -8.35 37.71
C TRP D 155 -10.63 -8.42 38.42
N HIS D 156 -10.71 -9.19 39.50
CA HIS D 156 -11.92 -9.25 40.31
C HIS D 156 -11.61 -9.87 41.67
N LEU D 157 -12.24 -9.35 42.73
CA LEU D 157 -12.04 -9.99 44.03
C LEU D 157 -12.76 -11.34 44.10
N ASN D 158 -13.85 -11.51 43.34
CA ASN D 158 -14.55 -12.79 43.32
C ASN D 158 -13.83 -13.74 42.37
N LYS D 159 -13.48 -14.92 42.88
CA LYS D 159 -12.75 -15.89 42.07
C LYS D 159 -13.64 -16.98 41.52
N ASN D 160 -14.86 -17.11 42.03
CA ASN D 160 -15.72 -18.23 41.66
C ASN D 160 -16.73 -17.77 40.60
N TRP D 161 -16.50 -18.17 39.35
CA TRP D 161 -17.37 -17.85 38.23
C TRP D 161 -18.09 -19.10 37.71
N SER D 162 -18.47 -20.00 38.61
CA SER D 162 -19.19 -21.22 38.24
C SER D 162 -20.60 -20.96 37.75
N SER D 163 -21.13 -19.76 37.96
CA SER D 163 -22.47 -19.43 37.49
C SER D 163 -22.50 -18.99 36.03
N VAL D 164 -21.35 -18.82 35.39
CA VAL D 164 -21.28 -18.30 34.02
C VAL D 164 -21.52 -19.43 33.03
N THR D 165 -22.44 -19.22 32.08
CA THR D 165 -22.62 -20.16 30.99
C THR D 165 -22.42 -19.50 29.63
N VAL D 166 -22.11 -18.22 29.61
CA VAL D 166 -21.80 -17.50 28.37
C VAL D 166 -20.44 -17.97 27.85
N PRO D 167 -20.30 -18.25 26.53
CA PRO D 167 -18.98 -18.62 25.98
C PRO D 167 -17.90 -17.59 26.28
N THR D 168 -16.93 -17.96 27.10
CA THR D 168 -15.99 -17.00 27.66
C THR D 168 -14.57 -17.35 27.24
N LEU D 169 -13.86 -16.37 26.68
CA LEU D 169 -12.44 -16.44 26.38
C LEU D 169 -11.72 -15.50 27.32
N ILE D 170 -10.85 -16.04 28.16
CA ILE D 170 -10.04 -15.24 29.08
C ILE D 170 -8.64 -15.15 28.53
N ILE D 171 -8.17 -13.92 28.37
CA ILE D 171 -6.80 -13.64 27.92
C ILE D 171 -6.03 -13.11 29.13
N GLY D 172 -5.04 -13.87 29.59
CA GLY D 172 -4.15 -13.42 30.64
C GLY D 172 -2.82 -13.00 30.04
N ALA D 173 -2.03 -12.29 30.85
CA ALA D 173 -0.66 -11.90 30.51
C ALA D 173 0.27 -12.53 31.53
N ASP D 174 1.25 -13.32 31.05
CA ASP D 174 2.05 -14.14 31.96
C ASP D 174 2.73 -13.31 33.05
N LEU D 175 3.28 -12.14 32.69
CA LEU D 175 3.97 -11.28 33.65
C LEU D 175 3.10 -10.09 34.09
N ASP D 176 1.79 -10.29 34.16
CA ASP D 176 0.89 -9.31 34.78
C ASP D 176 1.16 -9.24 36.29
N THR D 177 1.49 -8.04 36.78
CA THR D 177 1.73 -7.79 38.19
C THR D 177 0.54 -7.14 38.90
N ILE D 178 -0.40 -6.58 38.14
CA ILE D 178 -1.54 -5.91 38.74
C ILE D 178 -2.68 -6.88 39.00
N ALA D 179 -2.96 -7.75 38.03
CA ALA D 179 -3.93 -8.84 38.17
C ALA D 179 -3.22 -10.13 37.78
N PRO D 180 -2.35 -10.65 38.65
CA PRO D 180 -1.54 -11.82 38.29
C PRO D 180 -2.41 -13.01 37.90
N VAL D 181 -1.97 -13.72 36.86
CA VAL D 181 -2.75 -14.84 36.34
C VAL D 181 -2.96 -15.90 37.40
N ALA D 182 -2.01 -16.03 38.35
CA ALA D 182 -2.15 -17.06 39.37
C ALA D 182 -3.36 -16.81 40.26
N THR D 183 -3.70 -15.56 40.53
CA THR D 183 -4.78 -15.25 41.45
C THR D 183 -5.99 -14.59 40.81
N HIS D 184 -5.95 -14.29 39.51
CA HIS D 184 -7.12 -13.75 38.83
C HIS D 184 -7.47 -14.61 37.62
N ALA D 185 -6.76 -14.43 36.52
CA ALA D 185 -7.13 -15.08 35.26
C ALA D 185 -7.34 -16.59 35.42
N LYS D 186 -6.38 -17.30 36.02
CA LYS D 186 -6.50 -18.75 36.06
C LYS D 186 -7.58 -19.19 37.03
N PRO D 187 -7.67 -18.68 38.26
CA PRO D 187 -8.82 -19.07 39.11
C PRO D 187 -10.16 -18.77 38.45
N PHE D 188 -10.27 -17.69 37.67
CA PHE D 188 -11.52 -17.44 36.94
C PHE D 188 -11.79 -18.55 35.94
N TYR D 189 -10.81 -18.84 35.07
CA TYR D 189 -11.02 -19.84 34.04
C TYR D 189 -11.35 -21.20 34.66
N ASN D 190 -10.67 -21.55 35.75
CA ASN D 190 -10.84 -22.87 36.35
C ASN D 190 -12.19 -23.01 37.03
N SER D 191 -12.74 -21.91 37.57
CA SER D 191 -14.05 -21.95 38.20
C SER D 191 -15.21 -21.84 37.20
N LEU D 192 -14.95 -21.47 35.95
CA LEU D 192 -15.99 -21.56 34.95
C LEU D 192 -16.36 -23.03 34.77
N PRO D 193 -17.63 -23.35 34.53
CA PRO D 193 -18.02 -24.76 34.39
C PRO D 193 -17.23 -25.45 33.29
N SER D 194 -16.96 -26.74 33.51
CA SER D 194 -16.37 -27.56 32.46
C SER D 194 -17.33 -27.76 31.28
N SER D 195 -18.62 -27.52 31.49
CA SER D 195 -19.63 -27.87 30.49
C SER D 195 -19.90 -26.78 29.47
N ILE D 196 -19.38 -25.56 29.66
CA ILE D 196 -19.64 -24.46 28.73
C ILE D 196 -18.55 -24.38 27.67
N SER D 197 -18.70 -23.47 26.71
CA SER D 197 -17.63 -23.14 25.77
C SER D 197 -16.72 -22.11 26.44
N LYS D 198 -15.47 -22.48 26.68
CA LYS D 198 -14.56 -21.56 27.35
C LYS D 198 -13.16 -21.80 26.85
N ALA D 199 -12.31 -20.79 27.06
CA ALA D 199 -10.93 -20.86 26.58
C ALA D 199 -10.08 -19.91 27.40
N TYR D 200 -8.84 -20.31 27.63
CA TYR D 200 -7.86 -19.49 28.32
C TYR D 200 -6.64 -19.33 27.42
N LEU D 201 -6.32 -18.10 27.05
CA LEU D 201 -5.14 -17.81 26.24
C LEU D 201 -4.25 -16.88 27.03
N GLU D 202 -3.03 -17.33 27.31
CA GLU D 202 -2.10 -16.57 28.11
C GLU D 202 -1.03 -16.03 27.19
N LEU D 203 -0.98 -14.71 27.08
CA LEU D 203 0.05 -14.04 26.30
C LEU D 203 1.43 -14.30 26.90
N ASP D 204 2.41 -14.51 26.02
CA ASP D 204 3.77 -14.84 26.40
C ASP D 204 4.61 -13.56 26.37
N GLY D 205 5.26 -13.25 27.48
CA GLY D 205 6.06 -12.05 27.59
C GLY D 205 5.22 -10.78 27.57
N ALA D 206 4.14 -10.74 28.37
CA ALA D 206 3.19 -9.65 28.30
C ALA D 206 2.82 -9.20 29.70
N THR D 207 2.52 -7.93 29.82
CA THR D 207 2.18 -7.32 31.10
C THR D 207 0.70 -6.98 31.13
N HIS D 208 0.29 -6.39 32.25
CA HIS D 208 -1.07 -5.91 32.41
C HIS D 208 -1.46 -4.89 31.35
N PHE D 209 -0.49 -4.26 30.69
CA PHE D 209 -0.75 -3.22 29.70
C PHE D 209 -0.82 -3.72 28.28
N ALA D 210 -0.50 -4.99 28.04
CA ALA D 210 -0.63 -5.57 26.70
C ALA D 210 -1.95 -5.26 26.02
N PRO D 211 -3.12 -5.31 26.68
CA PRO D 211 -4.38 -4.99 25.99
C PRO D 211 -4.52 -3.54 25.56
N ASN D 212 -3.69 -2.64 26.05
CA ASN D 212 -3.75 -1.22 25.71
C ASN D 212 -2.88 -0.89 24.52
N ILE D 213 -2.23 -1.90 23.95
CA ILE D 213 -1.29 -1.73 22.85
C ILE D 213 -1.77 -2.65 21.72
N PRO D 214 -2.01 -2.12 20.50
CA PRO D 214 -2.38 -2.99 19.37
C PRO D 214 -1.58 -4.29 19.35
N ASN D 215 -2.29 -5.40 19.45
CA ASN D 215 -1.71 -6.71 19.72
C ASN D 215 -2.35 -7.69 18.75
N LYS D 216 -1.56 -8.23 17.83
CA LYS D 216 -2.12 -9.06 16.78
C LYS D 216 -2.78 -10.32 17.32
N ILE D 217 -2.32 -10.81 18.48
CA ILE D 217 -2.88 -12.04 19.07
C ILE D 217 -4.21 -11.74 19.76
N ILE D 218 -4.25 -10.69 20.57
CA ILE D 218 -5.51 -10.25 21.17
C ILE D 218 -6.52 -9.98 20.06
N GLY D 219 -6.08 -9.31 19.00
CA GLY D 219 -6.98 -9.05 17.88
C GLY D 219 -7.48 -10.32 17.24
N LYS D 220 -6.57 -11.24 16.92
CA LYS D 220 -6.95 -12.47 16.22
C LYS D 220 -7.97 -13.27 17.02
N TYR D 221 -7.69 -13.53 18.29
CA TYR D 221 -8.52 -14.48 19.01
C TYR D 221 -9.79 -13.84 19.55
N SER D 222 -9.74 -12.55 19.89
CA SER D 222 -10.97 -11.83 20.21
C SER D 222 -11.93 -11.83 19.03
N VAL D 223 -11.43 -11.51 17.83
CA VAL D 223 -12.31 -11.52 16.67
C VAL D 223 -12.80 -12.94 16.41
N ALA D 224 -11.88 -13.91 16.43
CA ALA D 224 -12.29 -15.29 16.19
C ALA D 224 -13.34 -15.73 17.19
N TRP D 225 -13.17 -15.35 18.47
CA TRP D 225 -14.14 -15.75 19.49
C TRP D 225 -15.49 -15.10 19.24
N LEU D 226 -15.49 -13.79 18.96
CA LEU D 226 -16.74 -13.11 18.67
C LEU D 226 -17.40 -13.70 17.42
N LYS D 227 -16.64 -13.86 16.33
CA LYS D 227 -17.19 -14.48 15.13
C LYS D 227 -17.87 -15.82 15.46
N ARG D 228 -17.16 -16.67 16.21
CA ARG D 228 -17.65 -18.03 16.44
C ARG D 228 -18.97 -18.03 17.21
N PHE D 229 -19.13 -17.13 18.18
CA PHE D 229 -20.27 -17.23 19.09
C PHE D 229 -21.28 -16.13 18.91
N VAL D 230 -20.86 -14.90 18.63
CA VAL D 230 -21.81 -13.84 18.33
C VAL D 230 -22.48 -14.10 16.99
N ASP D 231 -21.73 -14.60 15.99
CA ASP D 231 -22.26 -14.85 14.65
C ASP D 231 -22.57 -16.32 14.36
N ASN D 232 -22.22 -17.26 15.25
CA ASN D 232 -22.32 -18.71 14.97
C ASN D 232 -21.47 -19.11 13.77
N ASP D 233 -20.41 -18.35 13.51
CA ASP D 233 -19.63 -18.51 12.29
C ASP D 233 -18.61 -19.62 12.52
N THR D 234 -18.90 -20.82 12.00
CA THR D 234 -18.02 -21.96 12.23
C THR D 234 -16.76 -21.92 11.36
N ARG D 235 -16.67 -20.97 10.42
CA ARG D 235 -15.40 -20.74 9.73
C ARG D 235 -14.28 -20.33 10.69
N TYR D 236 -14.60 -19.89 11.90
CA TYR D 236 -13.59 -19.46 12.86
C TYR D 236 -13.28 -20.51 13.91
N THR D 237 -13.89 -21.70 13.82
CA THR D 237 -13.54 -22.79 14.72
C THR D 237 -12.09 -23.22 14.53
N GLN D 238 -11.62 -23.22 13.27
CA GLN D 238 -10.27 -23.69 12.96
C GLN D 238 -9.21 -22.95 13.77
N PHE D 239 -9.48 -21.71 14.17
CA PHE D 239 -8.50 -20.96 14.94
C PHE D 239 -8.60 -21.22 16.44
N LEU D 240 -9.76 -21.64 16.93
CA LEU D 240 -9.95 -21.86 18.36
C LEU D 240 -9.72 -23.30 18.78
N CYS D 241 -9.87 -24.25 17.87
CA CYS D 241 -9.87 -25.68 18.19
C CYS D 241 -8.98 -26.40 17.20
N PRO D 242 -7.89 -27.02 17.63
CA PRO D 242 -7.47 -27.15 19.03
C PRO D 242 -6.81 -25.88 19.61
N GLY D 243 -6.60 -24.87 18.79
CA GLY D 243 -5.99 -23.65 19.25
C GLY D 243 -4.47 -23.66 19.21
N PRO D 244 -3.85 -22.55 19.66
CA PRO D 244 -2.39 -22.33 19.51
C PRO D 244 -1.59 -22.80 20.72
N ARG D 245 -1.56 -24.10 20.96
CA ARG D 245 -1.12 -24.54 22.27
C ARG D 245 0.39 -24.73 22.38
N ASP D 246 0.80 -24.99 23.63
CA ASP D 246 1.98 -24.40 24.26
C ASP D 246 3.28 -24.85 23.61
N GLY D 247 4.15 -23.89 23.28
CA GLY D 247 3.84 -22.46 23.38
C GLY D 247 4.20 -21.78 22.06
N LEU D 248 3.21 -21.70 21.18
CA LEU D 248 3.44 -21.34 19.78
C LEU D 248 4.16 -20.01 19.63
N PHE D 249 5.21 -20.03 18.81
CA PHE D 249 5.98 -18.88 18.32
C PHE D 249 6.60 -18.04 19.44
N GLY D 250 6.58 -18.52 20.68
CA GLY D 250 6.90 -17.63 21.77
C GLY D 250 5.88 -16.55 22.01
N GLU D 251 4.72 -16.62 21.36
CA GLU D 251 3.68 -15.60 21.49
C GLU D 251 2.56 -16.01 22.42
N VAL D 252 2.26 -17.30 22.49
CA VAL D 252 1.22 -17.83 23.35
C VAL D 252 1.91 -18.79 24.31
N GLU D 253 1.96 -18.46 25.61
CA GLU D 253 2.63 -19.36 26.54
C GLU D 253 1.73 -20.50 26.98
N GLU D 254 0.41 -20.37 26.84
CA GLU D 254 -0.50 -21.43 27.27
C GLU D 254 -1.87 -21.20 26.66
N TYR D 255 -2.51 -22.29 26.22
CA TYR D 255 -3.89 -22.25 25.70
C TYR D 255 -4.65 -23.45 26.22
N ARG D 256 -5.80 -23.19 26.85
CA ARG D 256 -6.73 -24.21 27.29
C ARG D 256 -8.10 -23.92 26.68
N SER D 257 -8.88 -24.97 26.44
CA SER D 257 -10.22 -24.78 25.88
C SER D 257 -11.05 -26.03 26.17
N THR D 258 -12.36 -25.88 26.05
CA THR D 258 -13.27 -27.02 26.09
C THR D 258 -13.68 -27.48 24.70
N CYS D 259 -12.80 -27.29 23.73
CA CYS D 259 -13.04 -27.83 22.40
C CYS D 259 -13.34 -29.33 22.50
N PRO D 260 -14.26 -29.87 21.67
CA PRO D 260 -15.02 -29.14 20.66
C PRO D 260 -16.26 -28.48 21.25
N PHE D 261 -16.69 -27.37 20.66
CA PHE D 261 -17.76 -26.57 21.24
C PHE D 261 -19.14 -27.05 20.76
C2 C9C E . -20.07 32.12 -0.88
C3 C9C E . -18.73 33.92 -1.54
C4 C9C E . -18.56 35.30 -1.55
C5 C9C E . -19.44 36.05 -0.77
C6 C9C E . -19.31 37.43 -0.68
C7 C9C E . -18.28 38.07 -1.35
C8 C9C E . -17.38 37.31 -2.12
C1 C9C E . -20.99 31.80 0.32
O1 C9C E . -21.14 30.38 0.53
O2 C9C E . -19.91 33.54 -1.01
O3 C9C E . -17.81 33.14 -1.81
C9 C9C E . -17.49 35.92 -2.18
C10 C9C E . -18.18 39.47 -1.28
O4 C9C E . -19.03 40.11 -0.63
O5 C9C E . -17.29 40.06 -1.92
C1 PEG F . -12.24 39.97 0.02
O1 PEG F . -11.38 40.69 -0.89
C2 PEG F . -13.70 40.37 -0.17
O2 PEG F . -14.47 39.93 0.96
C3 PEG F . -15.77 40.51 1.01
C4 PEG F . -16.14 40.76 2.47
O4 PEG F . -17.17 41.75 2.61
C1 GOL G . -19.79 34.94 -22.13
O1 GOL G . -18.56 34.42 -22.60
C2 GOL G . -20.11 36.17 -22.95
O2 GOL G . -19.12 37.12 -22.54
C3 GOL G . -21.56 36.60 -22.67
O3 GOL G . -21.94 37.94 -23.03
C2 C9C H . 11.13 -29.60 -20.85
C3 C9C H . 9.59 -31.36 -20.71
C4 C9C H . 9.37 -32.73 -20.86
C5 C9C H . 10.49 -33.56 -21.00
C6 C9C H . 10.34 -34.94 -21.10
C7 C9C H . 9.09 -35.52 -20.98
C8 C9C H . 7.97 -34.69 -20.79
C1 C9C H . 12.62 -29.42 -20.54
O1 C9C H . 12.98 -28.05 -20.23
O2 C9C H . 10.84 -30.98 -21.09
O3 C9C H . 8.83 -30.65 -20.05
C9 C9C H . 8.12 -33.30 -20.68
C10 C9C H . 8.96 -36.90 -21.09
O4 C9C H . 9.97 -37.61 -21.24
O5 C9C H . 7.82 -37.42 -21.05
C ACT I . -4.56 -29.05 -36.17
O ACT I . -3.91 -29.13 -37.25
OXT ACT I . -4.71 -28.06 -35.39
CH3 ACT I . -5.24 -30.36 -35.74
C1 PEG J . 9.53 -39.31 -17.21
O1 PEG J . 10.61 -39.62 -18.09
C2 PEG J . 8.73 -38.11 -17.70
O2 PEG J . 7.34 -38.40 -17.64
C3 PEG J . 6.81 -38.32 -16.31
C4 PEG J . 5.34 -37.89 -16.33
O4 PEG J . 4.38 -38.98 -16.40
C1 PEG K . -3.21 -25.15 -9.31
O1 PEG K . -3.72 -25.77 -8.12
C2 PEG K . -3.38 -23.65 -9.18
O2 PEG K . -4.76 -23.33 -8.99
C3 PEG K . -4.92 -21.94 -8.65
C4 PEG K . -6.41 -21.68 -8.48
O4 PEG K . -6.98 -22.85 -7.90
S SO4 L . 34.05 1.59 29.56
O1 SO4 L . 34.12 3.02 29.30
O2 SO4 L . 34.28 0.83 28.33
O3 SO4 L . 35.04 1.19 30.54
O4 SO4 L . 32.74 1.29 30.12
S SO4 M . 23.97 -3.80 -15.54
O1 SO4 M . 22.71 -3.05 -15.42
O2 SO4 M . 24.18 -4.09 -16.97
O3 SO4 M . 23.90 -5.05 -14.78
O4 SO4 M . 25.08 -3.00 -15.04
C ACT N . 31.26 -3.98 20.80
O ACT N . 31.62 -4.02 19.57
OXT ACT N . 31.90 -3.57 21.83
CH3 ACT N . 29.90 -4.48 21.06
C1 PEG O . 38.60 7.74 -2.95
O1 PEG O . 39.13 8.45 -1.81
C2 PEG O . 39.55 6.72 -3.57
O2 PEG O . 39.88 5.58 -2.74
C3 PEG O . 40.25 4.40 -3.48
C4 PEG O . 40.95 3.35 -2.62
O4 PEG O . 40.03 2.51 -1.90
C1 PEG P . 16.10 8.97 -10.11
O1 PEG P . 17.29 9.76 -9.97
C2 PEG P . 15.08 9.31 -9.01
O2 PEG P . 14.91 8.17 -8.16
C3 PEG P . 13.63 7.55 -8.38
C4 PEG P . 13.76 6.04 -8.32
O4 PEG P . 14.56 5.55 -9.40
S SO4 Q . -3.63 -9.88 43.88
O1 SO4 Q . -4.62 -8.96 43.34
O2 SO4 Q . -3.94 -11.25 43.49
O3 SO4 Q . -2.29 -9.54 43.42
O4 SO4 Q . -3.66 -9.74 45.32
S SO4 R . -27.52 4.82 6.80
O1 SO4 R . -26.58 4.13 5.92
O2 SO4 R . -28.54 5.45 5.95
O3 SO4 R . -26.84 5.83 7.61
O4 SO4 R . -28.16 3.84 7.69
C ACT S . -7.04 -2.61 36.98
O ACT S . -6.14 -2.12 36.26
OXT ACT S . -6.98 -3.28 38.06
CH3 ACT S . -8.39 -2.35 36.47
C1 PEG T . -0.24 -5.06 15.45
O1 PEG T . -1.41 -5.86 15.21
C2 PEG T . 0.56 -5.54 16.68
O2 PEG T . 0.87 -6.93 16.63
C3 PEG T . 1.99 -7.24 17.47
C4 PEG T . 1.61 -8.34 18.45
O4 PEG T . 2.61 -8.41 19.49
#